data_6M0X
#
_entry.id   6M0X
#
_cell.length_a   322.165
_cell.length_b   75.250
_cell.length_c   70.008
_cell.angle_alpha   90.000
_cell.angle_beta   93.280
_cell.angle_gamma   90.000
#
_symmetry.space_group_name_H-M   'C 1 2 1'
#
loop_
_entity.id
_entity.type
_entity.pdbx_description
1 polymer 'CRISPR-associated endonuclease Cas9 1'
2 polymer 'RNA (71-MER)'
3 polymer 'DNA (28-MER)'
4 polymer "DNA (5'-D(*AP*AP*AP*GP*GP*AP*GP*C)-3')"
5 non-polymer 'BARIUM ION'
6 non-polymer 'MAGNESIUM ION'
7 water water
#
loop_
_entity_poly.entity_id
_entity_poly.type
_entity_poly.pdbx_seq_one_letter_code
_entity_poly.pdbx_strand_id
1 'polypeptide(L)'
;MGSDLVLGLDIGIGSVGVGILNKVTGEIIHKNSRIFPAAQAENNLVRRTNRQGRRLARRKKHRRVRLNRLFEESGLITDF
TKISINLNPYQLRVKGLTDELSNEELFIALKNMVKHRGISYLDDASDDGNSSVGDYAQIVKENSKQLETKTPGQIQLERY
QTYGQLRGDFTVEKDGKKHRLINVFPTSAYRSEALRILQTQQEFNPQITDEFINRYLEILTGKRKYYHGPGNEKSRTDYG
RYRTSGETLDNIFGILIGKCTFYPDEFRAAKASYTAQEFNLLNDLNNLTVPTETKKLSKEQKNQIINYVKNEKAMGPAKL
FKYIAKLLSCDVADIKGYRIDKSGKAEIHTFEAYRKMKTLETLDIEQMDRETLDKLAYVLTLNTEREGIQEALEHEFADG
SFSQKQVDELVQFRKANSSIFGKGWHNFSVKLMMELIPELYETSEEQMTILTRLGKQKTTSSSNKTKYIDEKLLTEEIYN
PVVAKSVRQAIKIVNAAIKEYGDFDNIVIEMARETNEDDEKKAIQKIQKANKDEKDAAMLKAANQYNGKAELPHSVFHGH
KQLATKIRLWHQQGERCLYTGKTISIHDLINNSNQFEVDAILPLSITFDDSLANKVLVYATANQEKGQRTPYQALDSMDD
AWSFRELKAFVRESKTLSNKKKEYLLTEEDISKFDVRKKFIERNLVDTRYASRVVLNALQEHFRAHKIDTKVSVVRGQFT
SQLRRHWGIEKTRDTYHHHAVDALIIAASSQLNLWKKQKNTLVSYSEDQLLDIETGELISDDEYKESVFKAPYQHFVDTL
KSKEFEDSILFSYQVDSKFNRKISDATIYATRQAKVGKDKADETYVLGKIKDIYTQDGYDAFMKIYKKDKSKFLMYRHDP
QTFEKVIEPILENYPNKQINEKGKEVPCNPFLKYKEEHGYIRKYSKKGNGPEIKSLKYYDSKLGNHIDITPKDSNNKVVL
QSVSPWRADVYFNKTTGKYEILGLKYADLQFEKGTGTYKISQEKYNDIKKKEGVDSDSEFKFTLYKNDLLLVKDTETKEQ
QLFRFLSRTMPKQKHYVELKPYDKQKFEGGEALIKVLGNVANSGQCKKGLGKSNISIYKVRTDVLGNQHIIKNEGDKPKL
DF
;
A
2 'polyribonucleotide' GGUGCUAAGAUUAAUCAGGAUGUUUUUGUACUCGAAAGAAGCUACAAAGAUAAGGCUUCAUGCCGAAAUCA B
3 'polydeoxyribonucleotide'
;(DG)(DC)(DT)(DC)(DC)(DT)(DT)(DT)(DA)(DT)(DC)(DC)(DT)(DG)(DA)(DT)(DT)(DA)(DA)(DT)
(DC)(DT)(DT)(DA)(DG)(DC)(DA)(DC)
;
C
4 'polydeoxyribonucleotide' (DA)(DA)(DA)(DG)(DG)(DA)(DG)(DC) D
#
# COMPACT_ATOMS: atom_id res chain seq x y z
N LEU A 5 1.55 -42.83 -0.36
CA LEU A 5 2.05 -41.68 -1.11
C LEU A 5 2.08 -40.42 -0.26
N VAL A 6 3.12 -39.61 -0.43
CA VAL A 6 3.35 -38.43 0.40
C VAL A 6 3.43 -37.20 -0.49
N LEU A 7 2.77 -36.12 -0.06
CA LEU A 7 2.69 -34.88 -0.81
C LEU A 7 3.40 -33.77 -0.06
N GLY A 8 4.34 -33.11 -0.73
CA GLY A 8 5.04 -31.97 -0.16
C GLY A 8 4.56 -30.69 -0.82
N LEU A 9 4.60 -29.59 -0.07
CA LEU A 9 4.13 -28.30 -0.55
C LEU A 9 5.04 -27.19 -0.06
N ASP A 10 5.53 -26.37 -0.99
CA ASP A 10 6.33 -25.18 -0.67
C ASP A 10 5.51 -23.98 -1.12
N ILE A 11 4.70 -23.45 -0.22
CA ILE A 11 3.75 -22.38 -0.53
C ILE A 11 4.45 -21.04 -0.40
N GLY A 12 4.33 -20.21 -1.43
CA GLY A 12 4.95 -18.90 -1.44
C GLY A 12 4.00 -17.84 -2.00
N ILE A 13 4.51 -16.62 -2.09
CA ILE A 13 3.65 -15.50 -2.50
C ILE A 13 3.37 -15.50 -3.99
N GLY A 14 4.23 -16.13 -4.79
CA GLY A 14 3.97 -16.24 -6.21
C GLY A 14 4.24 -17.60 -6.77
N SER A 15 4.34 -18.60 -5.90
CA SER A 15 4.65 -19.95 -6.33
C SER A 15 4.23 -20.93 -5.25
N VAL A 16 3.86 -22.13 -5.69
CA VAL A 16 3.68 -23.28 -4.80
C VAL A 16 4.40 -24.44 -5.46
N GLY A 17 5.38 -25.03 -4.74
CA GLY A 17 6.08 -26.19 -5.22
C GLY A 17 5.36 -27.46 -4.80
N VAL A 18 5.22 -28.39 -5.74
CA VAL A 18 4.50 -29.63 -5.51
C VAL A 18 5.42 -30.80 -5.80
N GLY A 19 5.20 -31.91 -5.09
CA GLY A 19 5.99 -33.11 -5.32
C GLY A 19 5.51 -34.32 -4.53
N ILE A 20 5.45 -35.48 -5.17
CA ILE A 20 4.89 -36.67 -4.55
C ILE A 20 5.90 -37.80 -4.58
N LEU A 21 5.87 -38.66 -3.57
CA LEU A 21 6.83 -39.73 -3.50
C LEU A 21 6.30 -40.95 -2.77
N ASN A 22 6.46 -42.10 -3.40
CA ASN A 22 6.03 -43.38 -2.83
C ASN A 22 6.93 -43.68 -1.66
N LYS A 23 6.41 -43.55 -0.46
CA LYS A 23 7.25 -43.65 0.71
C LYS A 23 8.04 -44.95 0.82
N VAL A 24 7.48 -46.06 0.38
CA VAL A 24 8.24 -47.28 0.51
C VAL A 24 9.40 -47.31 -0.49
N THR A 25 9.09 -47.07 -1.77
CA THR A 25 10.09 -47.16 -2.81
C THR A 25 11.05 -45.99 -2.77
N GLY A 26 10.56 -44.82 -2.39
CA GLY A 26 11.32 -43.61 -2.59
C GLY A 26 11.30 -43.10 -4.02
N GLU A 27 10.44 -43.65 -4.86
CA GLU A 27 10.37 -43.20 -6.24
C GLU A 27 9.54 -41.93 -6.33
N ILE A 28 9.96 -41.04 -7.23
CA ILE A 28 9.27 -39.77 -7.46
C ILE A 28 8.16 -40.00 -8.48
N ILE A 29 6.94 -39.59 -8.12
CA ILE A 29 5.80 -39.85 -8.98
C ILE A 29 5.43 -38.59 -9.75
N HIS A 30 5.64 -37.42 -9.12
CA HIS A 30 5.27 -36.16 -9.77
C HIS A 30 6.08 -35.03 -9.15
N LYS A 31 6.65 -34.18 -10.01
CA LYS A 31 7.28 -32.92 -9.63
C LYS A 31 6.60 -31.80 -10.40
N ASN A 32 6.45 -30.64 -9.79
CA ASN A 32 5.69 -29.62 -10.45
C ASN A 32 5.96 -28.27 -9.85
N SER A 33 5.77 -27.21 -10.62
CA SER A 33 5.95 -25.88 -10.11
C SER A 33 4.77 -25.07 -10.55
N ARG A 34 4.07 -24.43 -9.63
CA ARG A 34 2.90 -23.62 -9.97
C ARG A 34 3.32 -22.19 -9.76
N ILE A 35 3.14 -21.36 -10.77
CA ILE A 35 3.58 -19.97 -10.74
C ILE A 35 2.50 -18.96 -10.99
N PHE A 36 2.50 -17.92 -10.15
CA PHE A 36 1.54 -16.83 -10.26
C PHE A 36 2.19 -15.58 -9.66
N PRO A 37 2.80 -14.72 -10.47
CA PRO A 37 3.58 -13.61 -9.94
C PRO A 37 2.82 -12.78 -8.91
N ALA A 38 3.39 -12.64 -7.71
CA ALA A 38 2.72 -11.91 -6.65
C ALA A 38 2.61 -10.42 -6.93
N ALA A 39 3.38 -9.91 -7.91
CA ALA A 39 3.33 -8.49 -8.24
C ALA A 39 1.94 -8.05 -8.66
N GLN A 40 1.11 -8.97 -9.15
CA GLN A 40 -0.21 -8.62 -9.63
C GLN A 40 -1.10 -8.14 -8.49
N ALA A 41 -1.17 -8.93 -7.41
CA ALA A 41 -2.01 -8.58 -6.27
C ALA A 41 -1.33 -7.56 -5.36
N GLU A 42 0.01 -7.52 -5.36
CA GLU A 42 0.68 -6.46 -4.62
C GLU A 42 0.36 -5.09 -5.19
N ASN A 43 -0.09 -5.02 -6.44
CA ASN A 43 -0.54 -3.76 -7.03
C ASN A 43 -1.80 -3.22 -6.39
N ASN A 44 -2.44 -3.97 -5.48
CA ASN A 44 -3.64 -3.44 -4.84
C ASN A 44 -3.34 -2.13 -4.13
N LEU A 45 -2.12 -1.96 -3.63
CA LEU A 45 -1.70 -0.67 -3.10
C LEU A 45 -1.89 0.44 -4.11
N VAL A 46 -1.57 0.18 -5.38
CA VAL A 46 -1.76 1.17 -6.43
C VAL A 46 -3.23 1.42 -6.65
N ARG A 47 -4.04 0.35 -6.64
CA ARG A 47 -5.47 0.48 -6.86
C ARG A 47 -6.13 1.32 -5.76
N ARG A 48 -5.80 1.04 -4.50
CA ARG A 48 -6.38 1.83 -3.42
C ARG A 48 -5.91 3.27 -3.48
N THR A 49 -4.61 3.47 -3.71
CA THR A 49 -4.09 4.83 -3.78
C THR A 49 -4.80 5.65 -4.85
N ASN A 50 -5.05 5.05 -6.01
CA ASN A 50 -5.67 5.76 -7.10
C ASN A 50 -7.16 5.96 -6.89
N ARG A 51 -7.84 4.97 -6.30
CA ARG A 51 -9.25 5.15 -5.92
C ARG A 51 -9.41 6.32 -4.96
N GLN A 52 -8.55 6.39 -3.95
CA GLN A 52 -8.63 7.46 -2.97
C GLN A 52 -8.29 8.81 -3.57
N GLY A 53 -7.26 8.86 -4.43
CA GLY A 53 -6.93 10.09 -5.12
C GLY A 53 -8.08 10.59 -5.97
N ARG A 54 -8.75 9.68 -6.69
CA ARG A 54 -9.89 10.08 -7.50
C ARG A 54 -11.02 10.63 -6.65
N ARG A 55 -11.25 10.04 -5.47
CA ARG A 55 -12.31 10.57 -4.61
C ARG A 55 -11.99 11.97 -4.12
N LEU A 56 -10.72 12.26 -3.80
CA LEU A 56 -10.36 13.61 -3.36
C LEU A 56 -10.57 14.62 -4.48
N ALA A 57 -10.18 14.26 -5.71
CA ALA A 57 -10.33 15.16 -6.84
C ALA A 57 -11.79 15.28 -7.26
N ARG A 58 -12.53 14.18 -7.22
CA ARG A 58 -13.97 14.23 -7.46
C ARG A 58 -14.66 15.22 -6.54
N ARG A 59 -14.29 15.22 -5.27
CA ARG A 59 -14.98 16.09 -4.31
C ARG A 59 -14.45 17.51 -4.37
N LYS A 60 -13.19 17.71 -4.74
CA LYS A 60 -12.72 19.08 -4.95
C LYS A 60 -13.44 19.71 -6.12
N LYS A 61 -13.66 18.96 -7.19
CA LYS A 61 -14.42 19.47 -8.33
C LYS A 61 -15.88 19.63 -7.97
N HIS A 62 -16.42 18.72 -7.19
CA HIS A 62 -17.81 18.87 -6.76
C HIS A 62 -18.00 20.08 -5.88
N ARG A 63 -16.95 20.54 -5.19
CA ARG A 63 -17.10 21.72 -4.35
C ARG A 63 -17.40 22.95 -5.17
N ARG A 64 -16.77 23.09 -6.34
CA ARG A 64 -17.03 24.25 -7.17
C ARG A 64 -18.28 24.10 -8.00
N VAL A 65 -18.72 22.87 -8.26
CA VAL A 65 -20.03 22.66 -8.87
C VAL A 65 -21.13 23.02 -7.89
N ARG A 66 -21.00 22.54 -6.66
CA ARG A 66 -21.93 22.91 -5.59
C ARG A 66 -21.95 24.42 -5.40
N LEU A 67 -20.81 25.09 -5.57
CA LEU A 67 -20.77 26.54 -5.47
C LEU A 67 -21.47 27.21 -6.64
N ASN A 68 -21.42 26.60 -7.82
CA ASN A 68 -22.17 27.13 -8.96
C ASN A 68 -23.67 27.07 -8.70
N ARG A 69 -24.15 25.93 -8.20
CA ARG A 69 -25.58 25.81 -7.97
C ARG A 69 -26.03 26.70 -6.82
N LEU A 70 -25.13 26.99 -5.86
CA LEU A 70 -25.47 27.94 -4.80
C LEU A 70 -25.59 29.35 -5.36
N PHE A 71 -24.69 29.74 -6.25
CA PHE A 71 -24.81 31.05 -6.88
C PHE A 71 -26.02 31.11 -7.81
N GLU A 72 -26.34 30.02 -8.50
CA GLU A 72 -27.56 29.99 -9.29
C GLU A 72 -28.79 30.17 -8.42
N GLU A 73 -28.92 29.36 -7.37
CA GLU A 73 -30.11 29.42 -6.52
C GLU A 73 -30.23 30.76 -5.83
N SER A 74 -29.12 31.29 -5.33
CA SER A 74 -29.13 32.62 -4.74
C SER A 74 -29.53 33.68 -5.75
N GLY A 75 -29.43 33.39 -7.04
CA GLY A 75 -29.79 34.34 -8.07
C GLY A 75 -28.75 35.40 -8.31
N LEU A 76 -27.52 35.17 -7.87
CA LEU A 76 -26.45 36.16 -7.99
C LEU A 76 -25.72 36.08 -9.31
N ILE A 77 -25.46 34.88 -9.82
CA ILE A 77 -24.87 34.66 -11.14
C ILE A 77 -25.63 33.54 -11.83
N THR A 78 -26.19 33.82 -13.00
CA THR A 78 -26.81 32.79 -13.83
C THR A 78 -25.92 32.35 -14.99
N ASP A 79 -25.26 33.30 -15.64
CA ASP A 79 -24.41 33.03 -16.78
C ASP A 79 -22.96 32.94 -16.30
N PHE A 80 -22.39 31.74 -16.33
CA PHE A 80 -21.02 31.51 -15.92
C PHE A 80 -20.05 31.52 -17.10
N THR A 81 -20.50 31.97 -18.28
CA THR A 81 -19.61 31.98 -19.43
C THR A 81 -18.66 33.17 -19.41
N LYS A 82 -19.17 34.35 -19.05
CA LYS A 82 -18.35 35.56 -19.02
C LYS A 82 -17.65 35.74 -17.68
N ILE A 83 -17.18 34.67 -17.05
CA ILE A 83 -16.50 34.75 -15.76
C ILE A 83 -15.01 34.75 -16.02
N SER A 84 -14.34 35.83 -15.63
CA SER A 84 -12.93 35.97 -15.92
C SER A 84 -12.08 34.99 -15.13
N ILE A 85 -10.99 34.55 -15.76
CA ILE A 85 -10.05 33.67 -15.11
C ILE A 85 -8.67 34.31 -14.93
N ASN A 86 -8.56 35.62 -15.18
CA ASN A 86 -7.27 36.29 -15.14
C ASN A 86 -7.24 37.48 -14.19
N LEU A 87 -8.09 37.47 -13.17
CA LEU A 87 -7.98 38.39 -12.05
C LEU A 87 -7.31 37.68 -10.88
N ASN A 88 -6.76 38.45 -9.97
CA ASN A 88 -6.06 37.87 -8.83
C ASN A 88 -7.05 37.53 -7.72
N PRO A 89 -7.37 36.24 -7.52
CA PRO A 89 -8.37 35.91 -6.48
C PRO A 89 -7.86 36.19 -5.08
N TYR A 90 -6.56 36.07 -4.85
CA TYR A 90 -5.99 36.34 -3.53
C TYR A 90 -6.12 37.79 -3.14
N GLN A 91 -6.06 38.70 -4.09
CA GLN A 91 -6.19 40.11 -3.74
C GLN A 91 -7.64 40.49 -3.51
N LEU A 92 -8.58 39.86 -4.22
CA LEU A 92 -9.99 40.11 -3.96
C LEU A 92 -10.42 39.46 -2.64
N ARG A 93 -9.70 38.44 -2.21
CA ARG A 93 -9.87 37.87 -0.89
C ARG A 93 -9.38 38.80 0.21
N VAL A 94 -8.56 39.78 -0.13
CA VAL A 94 -8.15 40.80 0.81
C VAL A 94 -9.02 42.04 0.68
N LYS A 95 -9.32 42.45 -0.55
CA LYS A 95 -10.22 43.59 -0.75
C LYS A 95 -11.59 43.30 -0.15
N GLY A 96 -12.15 42.11 -0.40
CA GLY A 96 -13.44 41.76 0.14
C GLY A 96 -13.50 41.75 1.65
N LEU A 97 -12.33 41.68 2.30
CA LEU A 97 -12.26 41.71 3.75
C LEU A 97 -12.74 43.04 4.31
N THR A 98 -12.60 44.13 3.56
CA THR A 98 -12.98 45.45 4.04
C THR A 98 -13.83 46.22 3.04
N ASP A 99 -13.65 45.99 1.75
CA ASP A 99 -14.37 46.77 0.73
C ASP A 99 -15.22 45.86 -0.13
N GLU A 100 -16.11 46.47 -0.89
CA GLU A 100 -17.09 45.72 -1.66
C GLU A 100 -16.49 45.14 -2.92
N LEU A 101 -16.98 43.96 -3.29
CA LEU A 101 -16.62 43.19 -4.47
C LEU A 101 -17.84 43.04 -5.37
N SER A 102 -17.58 42.83 -6.64
CA SER A 102 -18.61 42.39 -7.56
C SER A 102 -18.98 40.94 -7.26
N ASN A 103 -20.18 40.54 -7.67
CA ASN A 103 -20.57 39.15 -7.51
C ASN A 103 -19.61 38.23 -8.26
N GLU A 104 -19.12 38.67 -9.40
CA GLU A 104 -18.10 37.91 -10.12
C GLU A 104 -16.79 37.89 -9.36
N GLU A 105 -16.39 39.03 -8.80
CA GLU A 105 -15.18 39.05 -7.97
C GLU A 105 -15.35 38.19 -6.72
N LEU A 106 -16.56 38.17 -6.16
CA LEU A 106 -16.80 37.34 -4.98
C LEU A 106 -16.77 35.86 -5.33
N PHE A 107 -17.38 35.50 -6.46
CA PHE A 107 -17.38 34.11 -6.90
C PHE A 107 -15.98 33.62 -7.22
N ILE A 108 -15.14 34.49 -7.79
CA ILE A 108 -13.74 34.15 -8.01
C ILE A 108 -13.01 33.97 -6.68
N ALA A 109 -13.27 34.85 -5.72
CA ALA A 109 -12.59 34.76 -4.43
C ALA A 109 -12.99 33.50 -3.66
N LEU A 110 -14.27 33.11 -3.74
CA LEU A 110 -14.73 31.95 -2.99
C LEU A 110 -14.38 30.64 -3.68
N LYS A 111 -14.42 30.63 -5.01
CA LYS A 111 -14.03 29.43 -5.76
C LYS A 111 -12.56 29.11 -5.56
N ASN A 112 -11.73 30.14 -5.56
CA ASN A 112 -10.32 29.94 -5.25
C ASN A 112 -10.14 29.35 -3.86
N MET A 113 -10.96 29.77 -2.91
CA MET A 113 -10.83 29.31 -1.53
C MET A 113 -11.24 27.84 -1.41
N VAL A 114 -12.29 27.45 -2.11
CA VAL A 114 -12.81 26.08 -2.05
C VAL A 114 -11.85 25.06 -2.65
N LYS A 115 -10.95 25.47 -3.54
CA LYS A 115 -10.02 24.54 -4.17
C LYS A 115 -8.78 24.30 -3.34
N HIS A 116 -8.56 25.05 -2.27
CA HIS A 116 -7.44 24.86 -1.38
C HIS A 116 -7.93 25.21 0.02
N ARG A 117 -8.73 24.31 0.60
CA ARG A 117 -9.40 24.56 1.87
C ARG A 117 -8.60 24.05 3.07
N GLY A 118 -7.37 23.63 2.87
CA GLY A 118 -6.46 23.44 3.97
C GLY A 118 -6.68 22.18 4.78
N ILE A 119 -5.80 22.01 5.76
CA ILE A 119 -5.88 20.84 6.62
C ILE A 119 -6.88 21.09 7.75
N SER A 120 -7.41 20.00 8.28
CA SER A 120 -8.30 20.08 9.43
C SER A 120 -7.98 19.05 10.50
N TYR A 121 -6.96 18.22 10.32
CA TYR A 121 -6.62 17.21 11.32
C TYR A 121 -6.00 17.87 12.55
N LYS A 150 -3.98 37.94 10.56
CA LYS A 150 -3.71 37.80 9.13
C LYS A 150 -4.39 36.55 8.56
N THR A 151 -5.35 36.77 7.67
CA THR A 151 -6.05 35.66 7.07
C THR A 151 -5.13 34.94 6.08
N PRO A 152 -5.39 33.65 5.81
CA PRO A 152 -4.59 32.94 4.80
C PRO A 152 -4.41 33.71 3.51
N GLY A 153 -5.48 34.33 2.99
CA GLY A 153 -5.36 35.09 1.76
C GLY A 153 -4.31 36.20 1.84
N GLN A 154 -4.27 36.90 2.97
CA GLN A 154 -3.29 37.98 3.13
C GLN A 154 -1.88 37.43 3.24
N ILE A 155 -1.73 36.24 3.83
CA ILE A 155 -0.41 35.61 3.86
C ILE A 155 -0.03 35.15 2.48
N GLN A 156 -1.00 34.59 1.75
CA GLN A 156 -0.72 34.14 0.40
C GLN A 156 -0.39 35.32 -0.52
N LEU A 157 -1.24 36.34 -0.51
CA LEU A 157 -1.00 37.50 -1.37
C LEU A 157 0.37 38.12 -1.10
N GLU A 158 0.74 38.25 0.18
CA GLU A 158 2.05 38.79 0.49
C GLU A 158 3.18 37.95 -0.10
N ARG A 159 2.99 36.63 -0.19
CA ARG A 159 3.98 35.80 -0.85
C ARG A 159 3.95 36.02 -2.36
N TYR A 160 2.76 36.23 -2.90
CA TYR A 160 2.63 36.58 -4.31
C TYR A 160 3.40 37.85 -4.63
N GLN A 161 3.31 38.85 -3.77
CA GLN A 161 3.90 40.14 -4.06
C GLN A 161 5.41 40.13 -3.83
N THR A 162 5.85 39.59 -2.70
CA THR A 162 7.26 39.73 -2.35
C THR A 162 8.16 38.64 -2.91
N TYR A 163 7.60 37.49 -3.30
CA TYR A 163 8.37 36.40 -3.91
C TYR A 163 7.82 35.92 -5.23
N GLY A 164 6.75 36.50 -5.74
CA GLY A 164 6.24 36.12 -7.05
C GLY A 164 5.57 34.77 -7.16
N GLN A 165 5.46 34.02 -6.09
CA GLN A 165 4.79 32.74 -6.17
C GLN A 165 4.15 32.30 -4.87
N LEU A 166 3.06 31.53 -4.94
CA LEU A 166 2.38 31.03 -3.75
C LEU A 166 2.27 29.55 -3.60
N ARG A 167 2.09 28.87 -4.71
CA ARG A 167 1.86 27.45 -4.73
C ARG A 167 2.98 26.53 -4.37
N GLY A 168 2.59 25.38 -3.87
CA GLY A 168 3.47 24.29 -3.50
C GLY A 168 4.45 24.61 -2.44
N ASP A 169 5.66 24.09 -2.56
CA ASP A 169 6.68 24.38 -1.61
C ASP A 169 7.82 24.90 -2.40
N PHE A 170 8.39 25.99 -1.95
CA PHE A 170 9.50 26.60 -2.63
C PHE A 170 10.45 27.30 -1.69
N THR A 171 11.61 27.68 -2.18
CA THR A 171 12.57 28.35 -1.35
C THR A 171 12.45 29.86 -1.37
N VAL A 172 12.80 30.49 -0.25
CA VAL A 172 12.79 31.93 -0.16
C VAL A 172 14.02 32.36 0.63
N GLU A 173 14.56 33.55 0.31
CA GLU A 173 15.72 34.07 1.01
C GLU A 173 15.29 34.77 2.30
N LYS A 174 16.07 34.54 3.37
CA LYS A 174 15.75 35.06 4.70
C LYS A 174 17.04 35.58 5.34
N ASP A 175 17.54 36.71 4.83
CA ASP A 175 18.66 37.44 5.40
C ASP A 175 19.86 36.53 5.59
N GLY A 176 20.38 36.04 4.47
CA GLY A 176 21.52 35.16 4.46
C GLY A 176 21.18 33.68 4.49
N LYS A 177 20.01 33.34 5.02
CA LYS A 177 19.58 31.95 5.16
C LYS A 177 18.45 31.66 4.18
N LYS A 178 18.40 30.40 3.71
CA LYS A 178 17.33 29.92 2.86
C LYS A 178 16.26 29.26 3.72
N HIS A 179 15.02 29.71 3.56
CA HIS A 179 13.88 29.13 4.25
C HIS A 179 12.89 28.53 3.25
N ARG A 180 12.06 27.62 3.74
CA ARG A 180 11.12 26.86 2.93
C ARG A 180 9.68 27.17 3.30
N LEU A 181 8.85 27.42 2.29
CA LEU A 181 7.44 27.68 2.51
C LEU A 181 6.60 26.66 1.77
N ILE A 182 5.34 26.52 2.20
CA ILE A 182 4.39 25.62 1.58
C ILE A 182 2.99 26.19 1.74
N ASN A 183 2.14 25.92 0.75
CA ASN A 183 0.80 26.54 0.73
C ASN A 183 -0.21 25.75 1.58
N VAL A 184 0.17 25.42 2.82
CA VAL A 184 -0.66 24.62 3.71
C VAL A 184 -1.13 25.49 4.87
N PHE A 185 -2.44 25.60 5.01
CA PHE A 185 -3.07 26.40 6.05
C PHE A 185 -4.19 25.61 6.71
N PRO A 186 -4.51 25.90 7.97
CA PRO A 186 -5.70 25.29 8.59
C PRO A 186 -6.98 25.67 7.85
N THR A 187 -7.90 24.69 7.78
CA THR A 187 -9.27 24.96 7.33
C THR A 187 -9.97 25.93 8.27
N SER A 188 -9.61 25.90 9.54
CA SER A 188 -10.18 26.86 10.48
C SER A 188 -9.87 28.29 10.04
N ALA A 189 -8.62 28.56 9.67
CA ALA A 189 -8.28 29.92 9.24
C ALA A 189 -8.95 30.28 7.91
N TYR A 190 -9.04 29.32 6.98
CA TYR A 190 -9.76 29.60 5.74
C TYR A 190 -11.22 29.92 6.02
N ARG A 191 -11.86 29.12 6.89
CA ARG A 191 -13.23 29.42 7.29
C ARG A 191 -13.30 30.78 7.99
N SER A 192 -12.36 31.05 8.89
CA SER A 192 -12.33 32.34 9.55
C SER A 192 -12.24 33.46 8.52
N GLU A 193 -11.35 33.33 7.55
CA GLU A 193 -11.21 34.34 6.49
C GLU A 193 -12.50 34.50 5.70
N ALA A 194 -13.04 33.40 5.18
CA ALA A 194 -14.23 33.49 4.34
C ALA A 194 -15.40 34.10 5.08
N LEU A 195 -15.54 33.81 6.38
CA LEU A 195 -16.64 34.37 7.15
C LEU A 195 -16.56 35.89 7.21
N ARG A 196 -15.38 36.42 7.49
CA ARG A 196 -15.22 37.86 7.52
C ARG A 196 -15.49 38.50 6.17
N ILE A 197 -15.16 37.80 5.07
CA ILE A 197 -15.41 38.37 3.75
C ILE A 197 -16.90 38.53 3.52
N LEU A 198 -17.66 37.44 3.66
CA LEU A 198 -19.07 37.46 3.32
C LEU A 198 -19.86 38.36 4.26
N GLN A 199 -19.52 38.36 5.55
CA GLN A 199 -20.18 39.28 6.47
C GLN A 199 -19.88 40.73 6.09
N THR A 200 -18.67 41.00 5.63
CA THR A 200 -18.37 42.33 5.15
C THR A 200 -19.13 42.66 3.87
N GLN A 201 -19.35 41.67 3.02
CA GLN A 201 -20.14 41.87 1.82
C GLN A 201 -21.61 42.09 2.14
N GLN A 202 -22.08 41.43 3.19
CA GLN A 202 -23.49 41.52 3.55
C GLN A 202 -23.93 42.96 3.77
N GLU A 203 -23.03 43.79 4.31
CA GLU A 203 -23.41 45.18 4.56
C GLU A 203 -23.44 46.00 3.28
N PHE A 204 -22.82 45.50 2.22
CA PHE A 204 -22.91 46.16 0.94
C PHE A 204 -23.95 45.51 0.08
N ASN A 205 -24.13 44.21 0.23
CA ASN A 205 -25.06 43.47 -0.63
C ASN A 205 -26.12 42.66 0.09
N PRO A 206 -27.37 42.83 -0.33
CA PRO A 206 -28.51 42.13 0.29
C PRO A 206 -28.85 40.75 -0.28
N GLN A 207 -28.27 40.37 -1.42
CA GLN A 207 -28.58 39.08 -2.00
C GLN A 207 -27.80 38.02 -1.21
N ILE A 208 -26.83 38.45 -0.43
CA ILE A 208 -26.06 37.55 0.37
C ILE A 208 -26.74 37.32 1.70
N THR A 209 -27.63 36.33 1.74
CA THR A 209 -28.36 35.98 2.94
C THR A 209 -27.55 35.18 3.93
N ASP A 210 -28.07 35.02 5.13
CA ASP A 210 -27.44 34.20 6.15
C ASP A 210 -27.35 32.75 5.71
N GLU A 211 -28.37 32.28 4.98
CA GLU A 211 -28.33 30.90 4.50
C GLU A 211 -27.24 30.72 3.48
N PHE A 212 -27.09 31.68 2.56
CA PHE A 212 -25.98 31.62 1.61
C PHE A 212 -24.65 31.47 2.34
N ILE A 213 -24.44 32.25 3.41
CA ILE A 213 -23.20 32.12 4.16
C ILE A 213 -23.09 30.75 4.79
N ASN A 214 -24.21 30.22 5.28
CA ASN A 214 -24.20 28.90 5.90
C ASN A 214 -23.82 27.84 4.90
N ARG A 215 -24.46 27.83 3.73
CA ARG A 215 -24.28 26.75 2.78
C ARG A 215 -22.87 26.70 2.22
N TYR A 216 -22.27 27.87 1.98
CA TYR A 216 -20.92 27.92 1.44
C TYR A 216 -19.91 27.37 2.43
N LEU A 217 -20.00 27.81 3.69
CA LEU A 217 -19.07 27.31 4.70
C LEU A 217 -19.15 25.80 4.90
N GLU A 218 -20.29 25.19 4.59
CA GLU A 218 -20.35 23.73 4.57
C GLU A 218 -19.70 23.17 3.32
N ILE A 219 -19.86 23.84 2.18
CA ILE A 219 -19.14 23.45 0.97
C ILE A 219 -17.63 23.51 1.23
N LEU A 220 -17.19 24.62 1.78
CA LEU A 220 -15.77 24.83 2.07
C LEU A 220 -15.25 23.87 3.13
N THR A 221 -15.92 23.80 4.27
CA THR A 221 -15.37 23.05 5.40
C THR A 221 -15.82 21.59 5.45
N GLY A 222 -16.91 21.24 4.76
CA GLY A 222 -17.46 19.91 4.82
C GLY A 222 -16.51 18.74 4.55
N LYS A 223 -16.49 17.79 5.47
CA LYS A 223 -15.76 16.54 5.31
C LYS A 223 -16.66 15.38 5.66
N ARG A 224 -16.29 14.20 5.22
CA ARG A 224 -16.99 12.98 5.58
C ARG A 224 -16.30 12.36 6.78
N LYS A 225 -17.10 11.76 7.67
CA LYS A 225 -16.57 10.98 8.77
C LYS A 225 -15.82 9.77 8.25
N TYR A 226 -14.67 9.47 8.85
CA TYR A 226 -13.89 8.33 8.41
C TYR A 226 -14.63 7.00 8.60
N TYR A 227 -15.60 6.93 9.51
CA TYR A 227 -16.38 5.72 9.75
C TYR A 227 -17.70 5.69 8.97
N HIS A 228 -17.87 6.62 8.05
CA HIS A 228 -19.03 6.64 7.17
C HIS A 228 -18.62 6.30 5.77
N GLY A 229 -17.65 7.03 5.23
CA GLY A 229 -17.10 6.74 3.93
C GLY A 229 -17.94 7.34 2.82
N PRO A 230 -17.90 6.73 1.64
CA PRO A 230 -18.62 7.29 0.50
C PRO A 230 -20.10 7.01 0.54
N GLY A 231 -20.83 7.84 -0.19
CA GLY A 231 -22.21 7.57 -0.54
C GLY A 231 -23.16 8.57 0.09
N ASN A 232 -24.42 8.39 -0.26
CA ASN A 232 -25.53 9.15 0.27
C ASN A 232 -26.75 8.26 0.18
N GLU A 233 -27.90 8.69 0.64
CA GLU A 233 -29.05 7.78 0.72
C GLU A 233 -29.42 7.23 -0.65
N LYS A 234 -29.13 7.97 -1.71
CA LYS A 234 -29.40 7.51 -3.06
C LYS A 234 -28.19 6.94 -3.78
N SER A 235 -26.99 7.21 -3.29
CA SER A 235 -25.78 6.77 -3.95
C SER A 235 -25.21 5.61 -3.13
N ARG A 236 -25.76 4.43 -3.37
CA ARG A 236 -25.36 3.22 -2.66
C ARG A 236 -23.97 2.80 -3.12
N THR A 237 -23.11 2.48 -2.16
CA THR A 237 -21.80 1.93 -2.47
C THR A 237 -21.29 1.16 -1.28
N ASP A 238 -20.84 -0.06 -1.51
CA ASP A 238 -20.37 -0.93 -0.44
C ASP A 238 -18.96 -0.60 0.01
N TYR A 239 -18.42 0.54 -0.42
CA TYR A 239 -17.23 1.09 0.18
C TYR A 239 -17.54 1.91 1.42
N GLY A 240 -18.80 2.26 1.61
CA GLY A 240 -19.17 3.17 2.67
C GLY A 240 -20.40 2.69 3.43
N ARG A 241 -21.12 3.67 3.94
CA ARG A 241 -22.17 3.47 4.93
C ARG A 241 -23.47 2.96 4.32
N TYR A 242 -23.84 3.48 3.15
CA TYR A 242 -25.13 3.18 2.52
C TYR A 242 -24.94 1.95 1.64
N ARG A 243 -25.21 0.78 2.19
CA ARG A 243 -24.91 -0.47 1.52
C ARG A 243 -25.90 -0.74 0.39
N THR A 244 -25.42 -1.42 -0.66
CA THR A 244 -26.27 -1.74 -1.79
C THR A 244 -27.44 -2.62 -1.39
N SER A 245 -27.28 -3.41 -0.33
CA SER A 245 -28.40 -4.20 0.18
C SER A 245 -29.53 -3.34 0.71
N GLY A 246 -29.30 -2.06 0.93
CA GLY A 246 -30.29 -1.16 1.47
C GLY A 246 -30.08 -0.81 2.93
N GLU A 247 -29.26 -1.59 3.64
CA GLU A 247 -28.95 -1.30 5.02
C GLU A 247 -28.05 -0.08 5.11
N THR A 248 -28.22 0.70 6.16
CA THR A 248 -27.34 1.82 6.47
C THR A 248 -26.63 1.52 7.77
N LEU A 249 -25.30 1.51 7.73
CA LEU A 249 -24.49 1.22 8.91
C LEU A 249 -24.27 2.48 9.73
N ASP A 250 -24.00 2.28 11.02
CA ASP A 250 -23.58 3.39 11.86
C ASP A 250 -22.07 3.64 11.72
N ASN A 251 -21.31 2.57 11.54
CA ASN A 251 -19.86 2.65 11.49
C ASN A 251 -19.40 1.52 10.59
N ILE A 252 -18.74 1.87 9.48
CA ILE A 252 -18.40 0.87 8.47
C ILE A 252 -17.33 -0.09 8.91
N PHE A 253 -16.66 0.17 10.03
CA PHE A 253 -15.65 -0.73 10.55
C PHE A 253 -16.23 -1.77 11.50
N GLY A 254 -17.47 -1.62 11.92
CA GLY A 254 -18.09 -2.64 12.74
C GLY A 254 -18.15 -3.98 12.03
N ILE A 255 -18.43 -3.97 10.73
CA ILE A 255 -18.52 -5.22 9.97
C ILE A 255 -17.17 -5.87 9.78
N LEU A 256 -16.08 -5.21 10.14
CA LEU A 256 -14.75 -5.77 10.00
C LEU A 256 -14.23 -6.38 11.29
N ILE A 257 -14.98 -6.21 12.40
CA ILE A 257 -14.64 -6.88 13.65
C ILE A 257 -14.54 -8.38 13.41
N GLY A 258 -13.61 -9.02 14.09
CA GLY A 258 -13.39 -10.43 13.88
C GLY A 258 -14.56 -11.30 14.31
N LYS A 259 -14.51 -12.54 13.87
CA LYS A 259 -15.47 -13.55 14.29
C LYS A 259 -14.87 -14.41 15.39
N CYS A 260 -15.75 -15.12 16.09
CA CYS A 260 -15.33 -15.96 17.20
C CYS A 260 -14.48 -17.13 16.71
N THR A 261 -13.52 -17.53 17.55
CA THR A 261 -12.66 -18.66 17.23
C THR A 261 -13.44 -19.95 17.05
N PHE A 262 -14.59 -20.11 17.72
CA PHE A 262 -15.39 -21.32 17.55
C PHE A 262 -16.79 -21.09 17.03
N TYR A 263 -17.33 -19.88 17.11
CA TYR A 263 -18.63 -19.53 16.53
C TYR A 263 -18.39 -18.63 15.33
N PRO A 264 -18.17 -19.19 14.13
CA PRO A 264 -17.82 -18.36 12.95
C PRO A 264 -18.88 -17.34 12.56
N ASP A 265 -20.13 -17.48 13.00
CA ASP A 265 -21.16 -16.51 12.67
C ASP A 265 -21.45 -15.57 13.81
N GLU A 266 -20.58 -15.52 14.81
CA GLU A 266 -20.70 -14.63 15.95
C GLU A 266 -19.51 -13.69 15.95
N PHE A 267 -19.78 -12.39 16.03
CA PHE A 267 -18.72 -11.42 16.24
C PHE A 267 -18.12 -11.59 17.63
N ARG A 268 -16.95 -11.03 17.82
CA ARG A 268 -16.29 -11.12 19.10
C ARG A 268 -16.69 -9.98 20.01
N ALA A 269 -16.35 -10.17 21.28
CA ALA A 269 -16.63 -9.21 22.33
C ALA A 269 -15.51 -8.18 22.44
N ALA A 270 -15.88 -6.99 22.89
CA ALA A 270 -14.89 -5.99 23.23
C ALA A 270 -14.05 -6.46 24.41
N LYS A 271 -12.78 -6.09 24.40
CA LYS A 271 -11.92 -6.33 25.56
C LYS A 271 -12.54 -5.74 26.81
N ALA A 272 -13.15 -4.57 26.68
CA ALA A 272 -13.70 -3.84 27.80
C ALA A 272 -15.11 -4.28 28.18
N SER A 273 -15.63 -5.31 27.53
CA SER A 273 -16.94 -5.82 27.90
C SER A 273 -16.85 -6.57 29.24
N TYR A 274 -18.00 -6.69 29.92
CA TYR A 274 -18.02 -7.42 31.18
C TYR A 274 -17.72 -8.89 30.95
N THR A 275 -18.35 -9.49 29.93
CA THR A 275 -18.16 -10.92 29.67
C THR A 275 -16.69 -11.27 29.45
N ALA A 276 -15.98 -10.42 28.72
CA ALA A 276 -14.59 -10.73 28.40
C ALA A 276 -13.68 -10.48 29.59
N GLN A 277 -14.03 -9.53 30.46
CA GLN A 277 -13.24 -9.30 31.66
C GLN A 277 -13.42 -10.43 32.65
N GLU A 278 -14.64 -10.96 32.77
CA GLU A 278 -14.86 -12.06 33.70
C GLU A 278 -14.14 -13.31 33.22
N PHE A 279 -14.27 -13.63 31.93
CA PHE A 279 -13.55 -14.78 31.37
C PHE A 279 -12.04 -14.63 31.54
N ASN A 280 -11.53 -13.41 31.36
CA ASN A 280 -10.08 -13.19 31.37
C ASN A 280 -9.49 -13.46 32.74
N LEU A 281 -10.12 -12.96 33.80
CA LEU A 281 -9.59 -13.17 35.13
C LEU A 281 -9.85 -14.58 35.63
N LEU A 282 -11.02 -15.14 35.31
CA LEU A 282 -11.32 -16.52 35.69
C LEU A 282 -10.25 -17.49 35.20
N ASN A 283 -9.90 -17.40 33.91
CA ASN A 283 -8.88 -18.28 33.36
C ASN A 283 -7.50 -17.93 33.91
N ASP A 284 -7.27 -16.65 34.23
CA ASP A 284 -6.05 -16.27 34.90
C ASP A 284 -5.91 -16.99 36.23
N LEU A 285 -6.99 -17.02 37.01
CA LEU A 285 -6.94 -17.57 38.36
C LEU A 285 -6.72 -19.08 38.33
N ASN A 286 -7.44 -19.78 37.47
CA ASN A 286 -7.29 -21.24 37.44
C ASN A 286 -5.90 -21.66 36.98
N ASN A 287 -5.23 -20.84 36.17
CA ASN A 287 -3.89 -21.18 35.76
C ASN A 287 -2.87 -20.94 36.86
N LEU A 288 -3.27 -20.32 37.97
CA LEU A 288 -2.42 -20.29 39.15
C LEU A 288 -2.39 -21.68 39.76
N THR A 289 -1.45 -21.88 40.68
CA THR A 289 -1.40 -23.08 41.50
C THR A 289 -1.14 -22.66 42.95
N VAL A 290 -1.98 -23.16 43.85
CA VAL A 290 -1.99 -22.67 45.22
C VAL A 290 -1.89 -23.83 46.20
N PRO A 291 -1.35 -23.62 47.41
CA PRO A 291 -1.26 -24.72 48.38
C PRO A 291 -2.62 -25.26 48.79
N THR A 292 -3.59 -24.38 49.03
CA THR A 292 -4.91 -24.82 49.43
C THR A 292 -5.82 -24.96 48.21
N LYS A 296 -5.14 -25.45 43.42
CA LYS A 296 -6.18 -24.73 42.69
C LYS A 296 -7.21 -24.11 43.62
N LEU A 297 -7.52 -22.83 43.37
CA LEU A 297 -8.55 -22.14 44.14
C LEU A 297 -9.92 -22.76 43.90
N SER A 298 -10.79 -22.66 44.89
CA SER A 298 -12.13 -23.23 44.79
C SER A 298 -13.05 -22.29 44.04
N LYS A 299 -14.25 -22.79 43.71
CA LYS A 299 -15.26 -21.95 43.10
C LYS A 299 -15.49 -20.72 43.94
N GLU A 300 -15.88 -20.93 45.20
CA GLU A 300 -16.04 -19.79 46.08
C GLU A 300 -14.80 -18.93 46.04
N GLN A 301 -13.61 -19.53 46.17
CA GLN A 301 -12.40 -18.73 46.29
C GLN A 301 -12.25 -17.66 45.20
N LYS A 302 -12.83 -17.88 44.01
CA LYS A 302 -12.75 -16.89 42.94
C LYS A 302 -13.74 -15.75 43.12
N ASN A 303 -14.99 -16.06 43.46
CA ASN A 303 -15.97 -15.01 43.64
C ASN A 303 -15.56 -14.05 44.73
N GLN A 304 -14.79 -14.52 45.70
CA GLN A 304 -14.18 -13.58 46.64
C GLN A 304 -13.36 -12.55 45.90
N ILE A 305 -12.41 -12.99 45.10
CA ILE A 305 -11.46 -12.06 44.48
C ILE A 305 -12.17 -11.19 43.46
N ILE A 306 -13.12 -11.77 42.73
CA ILE A 306 -13.88 -11.02 41.74
C ILE A 306 -14.64 -9.89 42.41
N ASN A 307 -15.44 -10.23 43.43
CA ASN A 307 -16.13 -9.19 44.19
C ASN A 307 -15.13 -8.20 44.78
N TYR A 308 -14.03 -8.68 45.36
CA TYR A 308 -13.09 -7.76 45.98
C TYR A 308 -12.57 -6.75 44.97
N VAL A 309 -12.13 -7.22 43.80
CA VAL A 309 -11.55 -6.30 42.83
C VAL A 309 -12.62 -5.47 42.16
N LYS A 310 -13.82 -6.01 42.01
CA LYS A 310 -14.86 -5.28 41.31
C LYS A 310 -15.30 -4.05 42.11
N ASN A 311 -15.36 -4.17 43.44
CA ASN A 311 -15.86 -3.12 44.30
C ASN A 311 -14.76 -2.24 44.89
N GLU A 312 -13.49 -2.59 44.70
CA GLU A 312 -12.39 -1.73 45.12
C GLU A 312 -12.00 -0.85 43.94
N LYS A 313 -11.70 0.41 44.24
CA LYS A 313 -11.43 1.39 43.19
C LYS A 313 -10.08 1.13 42.53
N ALA A 314 -8.99 1.35 43.26
CA ALA A 314 -7.67 1.11 42.73
C ALA A 314 -7.31 -0.38 42.79
N MET A 315 -6.65 -0.86 41.75
CA MET A 315 -6.32 -2.27 41.65
C MET A 315 -5.20 -2.47 40.65
N GLY A 316 -4.27 -3.32 41.03
CA GLY A 316 -3.15 -3.70 40.17
C GLY A 316 -2.80 -5.15 40.39
N PRO A 317 -1.69 -5.61 39.82
CA PRO A 317 -1.33 -7.01 39.99
C PRO A 317 -0.75 -7.33 41.37
N ALA A 318 0.12 -6.47 41.89
CA ALA A 318 0.64 -6.65 43.24
C ALA A 318 -0.46 -6.54 44.28
N LYS A 319 -1.22 -5.45 44.25
CA LYS A 319 -2.19 -5.19 45.31
C LYS A 319 -3.30 -6.23 45.35
N LEU A 320 -3.63 -6.83 44.21
CA LEU A 320 -4.53 -7.98 44.21
C LEU A 320 -3.84 -9.19 44.83
N PHE A 321 -2.65 -9.51 44.33
CA PHE A 321 -1.87 -10.60 44.91
C PHE A 321 -1.54 -10.30 46.37
N LYS A 322 -1.26 -9.04 46.70
CA LYS A 322 -1.07 -8.66 48.09
C LYS A 322 -2.32 -8.94 48.92
N TYR A 323 -3.48 -9.03 48.28
CA TYR A 323 -4.71 -9.38 48.99
C TYR A 323 -4.89 -10.88 49.07
N ILE A 324 -4.65 -11.61 47.98
CA ILE A 324 -4.75 -13.07 48.03
C ILE A 324 -3.74 -13.64 49.01
N ALA A 325 -2.53 -13.09 49.01
CA ALA A 325 -1.48 -13.57 49.91
C ALA A 325 -1.74 -13.10 51.34
N LYS A 326 -1.56 -11.80 51.58
CA LYS A 326 -1.71 -11.24 52.92
C LYS A 326 -3.13 -11.24 53.42
N LEU A 327 -4.08 -11.93 52.78
CA LEU A 327 -5.40 -12.09 53.35
C LEU A 327 -6.04 -13.43 53.00
N LEU A 328 -5.26 -14.42 52.57
CA LEU A 328 -5.78 -15.76 52.34
C LEU A 328 -4.63 -16.76 52.24
N ASP A 331 1.55 -15.15 52.13
CA ASP A 331 2.79 -15.49 51.43
C ASP A 331 2.60 -15.43 49.92
N VAL A 332 3.01 -14.31 49.30
CA VAL A 332 2.85 -14.16 47.86
C VAL A 332 3.81 -15.08 47.12
N ALA A 333 4.95 -15.40 47.74
CA ALA A 333 5.88 -16.34 47.14
C ALA A 333 5.26 -17.72 46.96
N ASP A 334 4.19 -18.03 47.70
CA ASP A 334 3.55 -19.34 47.59
C ASP A 334 2.71 -19.49 46.33
N ILE A 335 2.28 -18.38 45.72
CA ILE A 335 1.44 -18.43 44.53
C ILE A 335 2.32 -18.46 43.29
N LYS A 336 2.02 -19.38 42.37
CA LYS A 336 2.81 -19.56 41.17
C LYS A 336 1.87 -19.80 39.99
N GLY A 337 2.43 -19.73 38.79
CA GLY A 337 1.64 -19.95 37.59
C GLY A 337 0.95 -18.72 37.05
N TYR A 338 1.61 -17.57 37.06
CA TYR A 338 1.04 -16.32 36.59
C TYR A 338 1.90 -15.76 35.46
N ARG A 339 1.25 -15.13 34.50
CA ARG A 339 1.99 -14.63 33.36
C ARG A 339 2.81 -13.41 33.73
N ILE A 340 3.95 -13.29 33.07
CA ILE A 340 5.03 -12.44 33.53
C ILE A 340 5.23 -11.30 32.54
N ASP A 341 5.73 -10.18 33.06
CA ASP A 341 6.04 -9.02 32.25
C ASP A 341 7.18 -9.31 31.28
N LYS A 342 7.27 -8.48 30.24
CA LYS A 342 8.48 -8.41 29.45
C LYS A 342 9.70 -8.19 30.33
N SER A 343 9.55 -7.25 31.25
CA SER A 343 10.55 -6.89 32.23
C SER A 343 10.78 -7.92 33.35
N GLY A 344 9.71 -8.57 33.79
CA GLY A 344 9.76 -9.46 34.94
C GLY A 344 8.79 -9.17 36.05
N LYS A 345 7.88 -8.21 35.90
CA LYS A 345 6.84 -8.01 36.88
C LYS A 345 5.67 -8.96 36.62
N ALA A 346 5.00 -9.39 37.65
CA ALA A 346 3.88 -10.26 37.43
C ALA A 346 2.72 -9.42 36.99
N GLU A 347 1.81 -10.01 36.23
CA GLU A 347 0.65 -9.30 35.74
C GLU A 347 -0.58 -10.19 35.71
N ILE A 348 -1.74 -9.58 35.80
CA ILE A 348 -2.96 -10.35 35.76
C ILE A 348 -4.11 -9.44 35.40
N HIS A 349 -5.23 -10.02 35.03
CA HIS A 349 -6.40 -9.24 34.72
C HIS A 349 -6.99 -8.64 35.97
N THR A 350 -7.45 -7.40 35.91
CA THR A 350 -8.03 -6.75 37.06
C THR A 350 -9.33 -5.97 36.86
N PHE A 351 -10.18 -6.39 35.93
CA PHE A 351 -11.46 -5.73 35.71
C PHE A 351 -11.27 -4.25 35.54
N GLU A 352 -10.23 -3.85 34.84
CA GLU A 352 -9.92 -2.46 34.71
C GLU A 352 -11.00 -1.66 34.03
N ALA A 353 -11.63 -2.23 33.04
CA ALA A 353 -12.67 -1.50 32.35
C ALA A 353 -13.83 -1.16 33.25
N TYR A 354 -14.25 -2.11 34.05
CA TYR A 354 -15.37 -1.95 34.96
C TYR A 354 -15.08 -0.87 36.00
N ARG A 355 -13.91 -0.92 36.57
CA ARG A 355 -13.60 0.03 37.58
C ARG A 355 -13.71 1.43 37.06
N LYS A 356 -13.25 1.67 35.85
CA LYS A 356 -13.33 3.00 35.27
C LYS A 356 -14.77 3.36 34.94
N MET A 357 -15.56 2.38 34.48
CA MET A 357 -16.97 2.63 34.19
C MET A 357 -17.80 2.79 35.47
N LYS A 358 -17.30 2.35 36.61
CA LYS A 358 -17.98 2.63 37.86
C LYS A 358 -17.79 4.08 38.31
N THR A 359 -16.77 4.76 37.79
CA THR A 359 -16.50 6.14 38.15
C THR A 359 -17.48 7.12 37.52
N LEU A 360 -18.27 6.69 36.55
CA LEU A 360 -19.21 7.58 35.90
C LEU A 360 -20.21 8.13 36.91
N GLU A 361 -20.50 9.43 36.80
CA GLU A 361 -21.38 10.08 37.76
C GLU A 361 -22.83 10.17 37.31
N THR A 362 -23.08 10.32 36.01
CA THR A 362 -24.44 10.39 35.49
C THR A 362 -25.04 9.03 35.19
N LEU A 363 -24.31 7.95 35.45
CA LEU A 363 -24.81 6.61 35.24
C LEU A 363 -24.12 5.68 36.24
N ASP A 364 -24.79 4.58 36.54
CA ASP A 364 -24.26 3.60 37.49
C ASP A 364 -24.13 2.26 36.79
N ILE A 365 -22.89 1.83 36.56
CA ILE A 365 -22.62 0.57 35.89
C ILE A 365 -23.21 -0.61 36.66
N GLU A 366 -23.36 -0.48 37.98
CA GLU A 366 -23.97 -1.56 38.75
C GLU A 366 -25.46 -1.71 38.48
N GLN A 367 -26.10 -0.66 37.95
CA GLN A 367 -27.52 -0.72 37.63
C GLN A 367 -27.81 -1.39 36.30
N MET A 368 -26.78 -1.62 35.47
CA MET A 368 -26.97 -2.24 34.16
C MET A 368 -26.69 -3.73 34.26
N ASP A 369 -27.47 -4.52 33.53
CA ASP A 369 -27.23 -5.96 33.43
C ASP A 369 -26.00 -6.22 32.56
N ARG A 370 -25.83 -7.47 32.14
CA ARG A 370 -24.62 -7.84 31.42
C ARG A 370 -24.67 -7.44 29.95
N GLU A 371 -25.65 -7.97 29.20
CA GLU A 371 -25.71 -7.70 27.78
C GLU A 371 -25.82 -6.21 27.48
N THR A 372 -26.20 -5.40 28.47
CA THR A 372 -26.20 -3.95 28.31
C THR A 372 -24.82 -3.36 28.52
N LEU A 373 -24.04 -3.96 29.40
CA LEU A 373 -22.69 -3.48 29.64
C LEU A 373 -21.71 -4.01 28.60
N ASP A 374 -21.94 -5.22 28.09
CA ASP A 374 -21.20 -5.68 26.92
C ASP A 374 -21.51 -4.82 25.70
N LYS A 375 -22.77 -4.47 25.50
CA LYS A 375 -23.12 -3.63 24.36
C LYS A 375 -22.55 -2.23 24.52
N LEU A 376 -22.55 -1.71 25.74
CA LEU A 376 -21.93 -0.41 25.97
C LEU A 376 -20.45 -0.43 25.59
N ALA A 377 -19.74 -1.49 25.95
CA ALA A 377 -18.33 -1.58 25.61
C ALA A 377 -18.13 -1.79 24.11
N TYR A 378 -19.10 -2.39 23.43
CA TYR A 378 -19.04 -2.46 21.98
C TYR A 378 -19.01 -1.06 21.37
N VAL A 379 -19.98 -0.23 21.74
CA VAL A 379 -20.10 1.11 21.18
C VAL A 379 -18.87 1.95 21.50
N LEU A 380 -18.37 1.87 22.71
CA LEU A 380 -17.27 2.73 23.12
C LEU A 380 -15.92 2.21 22.65
N THR A 381 -15.83 0.95 22.26
CA THR A 381 -14.57 0.45 21.70
C THR A 381 -14.46 0.83 20.23
N LEU A 382 -15.53 0.68 19.48
CA LEU A 382 -15.51 0.88 18.04
C LEU A 382 -15.56 2.33 17.64
N ASN A 383 -16.25 3.18 18.40
CA ASN A 383 -16.46 4.56 17.99
C ASN A 383 -15.52 5.50 18.74
N THR A 384 -14.93 6.45 18.01
CA THR A 384 -14.00 7.39 18.59
C THR A 384 -14.49 8.84 18.55
N GLU A 385 -15.58 9.12 17.87
CA GLU A 385 -16.09 10.47 17.73
C GLU A 385 -17.43 10.61 18.44
N ARG A 386 -17.74 11.87 18.81
CA ARG A 386 -19.01 12.15 19.46
C ARG A 386 -20.19 11.64 18.66
N GLU A 387 -20.25 11.99 17.38
CA GLU A 387 -21.44 11.66 16.59
C GLU A 387 -21.56 10.17 16.39
N GLY A 388 -20.45 9.48 16.16
CA GLY A 388 -20.50 8.04 16.01
C GLY A 388 -21.01 7.33 17.26
N ILE A 389 -20.56 7.78 18.43
CA ILE A 389 -21.06 7.23 19.69
C ILE A 389 -22.53 7.57 19.85
N GLN A 390 -22.87 8.84 19.69
CA GLN A 390 -24.26 9.27 19.87
C GLN A 390 -25.20 8.49 18.96
N GLU A 391 -24.83 8.30 17.70
CA GLU A 391 -25.68 7.57 16.77
C GLU A 391 -25.78 6.10 17.16
N ALA A 392 -24.68 5.51 17.61
CA ALA A 392 -24.70 4.11 17.98
C ALA A 392 -25.52 3.88 19.23
N LEU A 393 -25.48 4.83 20.17
CA LEU A 393 -26.28 4.72 21.38
C LEU A 393 -27.77 4.83 21.05
N GLU A 394 -28.12 5.75 20.16
CA GLU A 394 -29.52 5.93 19.77
C GLU A 394 -30.07 4.73 19.02
N HIS A 395 -29.24 4.06 18.21
CA HIS A 395 -29.73 3.04 17.30
C HIS A 395 -29.58 1.63 17.84
N GLU A 396 -28.80 1.43 18.90
CA GLU A 396 -28.62 0.10 19.45
C GLU A 396 -29.30 -0.09 20.80
N PHE A 397 -29.60 0.98 21.51
CA PHE A 397 -30.30 0.91 22.78
C PHE A 397 -31.72 1.41 22.61
N ALA A 398 -32.62 0.88 23.45
CA ALA A 398 -34.01 1.31 23.44
C ALA A 398 -34.12 2.81 23.67
N ASP A 399 -35.17 3.40 23.09
CA ASP A 399 -35.21 4.85 22.91
C ASP A 399 -35.02 5.61 24.23
N GLY A 400 -35.50 5.05 25.34
CA GLY A 400 -35.40 5.78 26.59
C GLY A 400 -34.20 5.41 27.42
N SER A 401 -33.17 4.84 26.80
CA SER A 401 -32.06 4.29 27.57
C SER A 401 -31.05 5.35 28.01
N PHE A 402 -31.00 6.49 27.35
CA PHE A 402 -29.97 7.48 27.64
C PHE A 402 -30.55 8.88 27.55
N SER A 403 -30.03 9.77 28.39
CA SER A 403 -30.31 11.19 28.29
C SER A 403 -29.12 11.92 27.67
N GLN A 404 -29.38 13.15 27.22
CA GLN A 404 -28.33 13.95 26.60
C GLN A 404 -27.13 14.13 27.53
N LYS A 405 -27.39 14.36 28.80
CA LYS A 405 -26.30 14.58 29.76
C LYS A 405 -25.50 13.31 29.98
N GLN A 406 -26.17 12.15 29.91
CA GLN A 406 -25.47 10.89 30.08
C GLN A 406 -24.70 10.50 28.83
N VAL A 407 -25.21 10.82 27.64
CA VAL A 407 -24.39 10.64 26.46
C VAL A 407 -23.30 11.69 26.42
N ASP A 408 -23.57 12.88 26.97
CA ASP A 408 -22.52 13.89 27.08
C ASP A 408 -21.36 13.38 27.92
N GLU A 409 -21.65 12.67 29.01
CA GLU A 409 -20.59 12.18 29.87
C GLU A 409 -19.87 11.00 29.24
N LEU A 410 -20.61 10.13 28.56
CA LEU A 410 -19.99 9.01 27.87
C LEU A 410 -19.03 9.49 26.79
N VAL A 411 -19.36 10.59 26.11
CA VAL A 411 -18.45 11.13 25.10
C VAL A 411 -17.13 11.55 25.74
N GLN A 412 -17.20 12.42 26.76
CA GLN A 412 -15.97 12.87 27.42
C GLN A 412 -15.24 11.72 28.06
N PHE A 413 -15.97 10.69 28.47
CA PHE A 413 -15.36 9.53 29.12
C PHE A 413 -14.57 8.71 28.12
N ARG A 414 -15.14 8.45 26.95
CA ARG A 414 -14.47 7.64 25.94
C ARG A 414 -13.17 8.30 25.50
N LYS A 415 -13.21 9.61 25.27
CA LYS A 415 -12.00 10.32 24.86
C LYS A 415 -10.93 10.26 25.94
N ALA A 416 -11.31 10.39 27.20
CA ALA A 416 -10.34 10.37 28.28
C ALA A 416 -9.78 8.98 28.55
N ASN A 417 -10.32 7.95 27.92
CA ASN A 417 -9.90 6.57 28.11
C ASN A 417 -9.72 5.86 26.78
N SER A 418 -9.23 6.59 25.77
CA SER A 418 -8.86 5.95 24.52
C SER A 418 -7.86 4.82 24.75
N SER A 419 -7.01 4.97 25.77
CA SER A 419 -6.01 3.95 26.05
C SER A 419 -6.62 2.62 26.44
N ILE A 420 -7.88 2.60 26.85
CA ILE A 420 -8.56 1.39 27.26
C ILE A 420 -9.51 0.89 26.18
N PHE A 421 -10.29 1.79 25.60
CA PHE A 421 -11.19 1.40 24.53
C PHE A 421 -10.50 1.33 23.17
N GLY A 422 -9.24 1.71 23.08
CA GLY A 422 -8.44 1.46 21.91
C GLY A 422 -7.70 0.13 21.92
N LYS A 423 -7.94 -0.73 22.91
CA LYS A 423 -7.19 -1.97 23.00
C LYS A 423 -7.79 -3.07 22.16
N GLY A 424 -8.95 -2.85 21.55
CA GLY A 424 -9.44 -3.79 20.56
C GLY A 424 -10.49 -4.78 21.05
N TRP A 425 -10.33 -6.03 20.63
CA TRP A 425 -11.39 -7.02 20.76
C TRP A 425 -10.81 -8.35 21.22
N HIS A 426 -11.64 -9.10 21.95
CA HIS A 426 -11.26 -10.40 22.47
C HIS A 426 -11.39 -11.45 21.38
N ASN A 427 -10.57 -12.49 21.47
CA ASN A 427 -10.63 -13.51 20.43
C ASN A 427 -11.90 -14.34 20.46
N PHE A 428 -12.68 -14.25 21.53
CA PHE A 428 -13.90 -15.03 21.69
C PHE A 428 -15.13 -14.14 21.57
N SER A 429 -16.23 -14.74 21.13
CA SER A 429 -17.53 -14.10 21.28
C SER A 429 -17.98 -14.19 22.73
N VAL A 430 -19.07 -13.48 23.04
CA VAL A 430 -19.65 -13.56 24.39
C VAL A 430 -20.41 -14.87 24.55
N LYS A 431 -21.08 -15.32 23.48
CA LYS A 431 -21.82 -16.58 23.52
C LYS A 431 -20.94 -17.71 24.02
N LEU A 432 -19.72 -17.79 23.49
CA LEU A 432 -18.83 -18.88 23.88
C LEU A 432 -18.39 -18.73 25.33
N MET A 433 -18.08 -17.51 25.75
CA MET A 433 -17.63 -17.30 27.12
C MET A 433 -18.71 -17.68 28.13
N MET A 434 -19.98 -17.43 27.80
CA MET A 434 -21.05 -17.82 28.70
C MET A 434 -21.27 -19.33 28.75
N GLU A 435 -20.84 -20.05 27.73
CA GLU A 435 -20.75 -21.50 27.82
C GLU A 435 -19.46 -21.95 28.47
N LEU A 436 -18.66 -21.02 28.94
CA LEU A 436 -17.36 -21.35 29.54
C LEU A 436 -17.18 -20.73 30.92
N ILE A 437 -17.66 -19.50 31.15
CA ILE A 437 -17.47 -18.87 32.46
C ILE A 437 -18.07 -19.69 33.58
N PRO A 438 -19.31 -20.22 33.49
CA PRO A 438 -19.80 -21.14 34.52
C PRO A 438 -18.79 -22.23 34.85
N GLU A 439 -18.38 -23.01 33.85
CA GLU A 439 -17.52 -24.17 34.12
C GLU A 439 -16.11 -23.76 34.55
N LEU A 440 -15.72 -22.50 34.35
CA LEU A 440 -14.49 -22.00 34.96
C LEU A 440 -14.69 -21.64 36.43
N TYR A 441 -15.88 -21.19 36.80
CA TYR A 441 -16.25 -21.10 38.21
C TYR A 441 -16.36 -22.48 38.83
N GLU A 442 -17.17 -23.35 38.21
CA GLU A 442 -17.51 -24.63 38.81
C GLU A 442 -16.30 -25.55 38.94
N THR A 443 -15.49 -25.64 37.89
CA THR A 443 -14.30 -26.47 37.91
C THR A 443 -13.06 -25.59 37.80
N SER A 444 -11.91 -26.17 38.11
CA SER A 444 -10.65 -25.43 38.13
C SER A 444 -9.88 -25.51 36.82
N GLU A 445 -10.50 -26.00 35.75
CA GLU A 445 -9.81 -26.16 34.48
C GLU A 445 -9.80 -24.85 33.69
N GLU A 446 -8.74 -24.67 32.90
CA GLU A 446 -8.64 -23.50 32.04
C GLU A 446 -9.36 -23.76 30.72
N GLN A 447 -9.43 -22.72 29.88
CA GLN A 447 -10.27 -22.77 28.69
C GLN A 447 -9.92 -23.95 27.78
N MET A 448 -8.63 -24.24 27.62
CA MET A 448 -8.23 -25.33 26.75
C MET A 448 -8.82 -26.64 27.22
N THR A 449 -8.65 -26.92 28.51
CA THR A 449 -9.16 -28.16 29.10
C THR A 449 -10.68 -28.28 28.92
N ILE A 450 -11.40 -27.19 29.11
CA ILE A 450 -12.86 -27.28 29.07
C ILE A 450 -13.34 -27.57 27.66
N LEU A 451 -12.85 -26.81 26.67
CA LEU A 451 -13.30 -26.96 25.30
C LEU A 451 -13.09 -28.38 24.78
N THR A 452 -12.02 -29.03 25.21
CA THR A 452 -11.87 -30.47 24.93
C THR A 452 -13.12 -31.24 25.35
N ARG A 453 -13.49 -31.10 26.61
CA ARG A 453 -14.61 -31.82 27.20
C ARG A 453 -15.93 -31.76 26.43
N LEU A 454 -16.34 -30.56 26.05
CA LEU A 454 -17.60 -30.37 25.34
C LEU A 454 -17.51 -30.82 23.89
N GLY A 455 -16.30 -31.00 23.37
CA GLY A 455 -16.11 -31.51 22.03
C GLY A 455 -16.50 -30.53 20.95
N TYR A 468 -14.62 -31.71 -0.94
CA TYR A 468 -13.26 -31.23 -0.75
C TYR A 468 -13.25 -29.79 -0.36
N ILE A 469 -12.08 -29.30 0.04
CA ILE A 469 -11.97 -27.95 0.55
C ILE A 469 -12.52 -26.98 -0.49
N ASP A 470 -13.42 -26.11 -0.05
CA ASP A 470 -13.90 -25.02 -0.90
C ASP A 470 -12.91 -23.88 -0.72
N GLU A 471 -12.02 -23.72 -1.71
CA GLU A 471 -10.97 -22.72 -1.59
C GLU A 471 -11.54 -21.31 -1.50
N LYS A 472 -12.74 -21.09 -2.02
CA LYS A 472 -13.31 -19.75 -2.03
C LYS A 472 -13.95 -19.41 -0.68
N LEU A 473 -14.78 -20.29 -0.15
CA LEU A 473 -15.26 -20.10 1.22
C LEU A 473 -14.10 -20.09 2.19
N LEU A 474 -13.07 -20.89 1.91
CA LEU A 474 -11.86 -20.87 2.72
C LEU A 474 -11.25 -19.48 2.77
N THR A 475 -11.29 -18.74 1.66
CA THR A 475 -10.71 -17.41 1.57
C THR A 475 -11.76 -16.34 1.35
N GLU A 476 -13.00 -16.59 1.76
CA GLU A 476 -14.05 -15.59 1.58
C GLU A 476 -13.78 -14.32 2.38
N GLU A 477 -13.39 -14.46 3.63
CA GLU A 477 -13.34 -13.35 4.55
C GLU A 477 -11.91 -12.91 4.83
N ILE A 478 -10.99 -13.24 3.96
CA ILE A 478 -9.60 -12.86 4.13
C ILE A 478 -9.33 -11.64 3.25
N TYR A 479 -8.81 -10.58 3.86
CA TYR A 479 -8.66 -9.33 3.12
C TYR A 479 -7.18 -9.06 2.85
N ASN A 480 -6.54 -10.00 2.17
CA ASN A 480 -5.15 -9.88 1.77
C ASN A 480 -5.04 -10.65 0.48
N PRO A 481 -5.16 -9.96 -0.67
CA PRO A 481 -5.29 -10.67 -1.95
C PRO A 481 -4.11 -11.56 -2.27
N VAL A 482 -2.91 -11.26 -1.75
CA VAL A 482 -1.76 -12.11 -2.02
C VAL A 482 -1.86 -13.40 -1.22
N VAL A 483 -2.14 -13.29 0.08
CA VAL A 483 -2.34 -14.49 0.88
C VAL A 483 -3.55 -15.26 0.38
N ALA A 484 -4.64 -14.56 0.08
CA ALA A 484 -5.84 -15.23 -0.38
C ALA A 484 -5.58 -16.00 -1.67
N LYS A 485 -4.73 -15.45 -2.55
CA LYS A 485 -4.46 -16.12 -3.82
C LYS A 485 -3.63 -17.38 -3.60
N SER A 486 -2.47 -17.26 -2.95
CA SER A 486 -1.60 -18.42 -2.80
C SER A 486 -2.30 -19.55 -2.07
N VAL A 487 -3.12 -19.21 -1.06
CA VAL A 487 -3.93 -20.23 -0.41
C VAL A 487 -4.84 -20.89 -1.44
N ARG A 488 -5.57 -20.10 -2.21
CA ARG A 488 -6.45 -20.66 -3.23
C ARG A 488 -5.68 -21.54 -4.20
N GLN A 489 -4.42 -21.21 -4.50
CA GLN A 489 -3.62 -22.02 -5.40
C GLN A 489 -3.19 -23.31 -4.71
N ALA A 490 -2.81 -23.24 -3.44
CA ALA A 490 -2.33 -24.43 -2.74
C ALA A 490 -3.43 -25.47 -2.56
N ILE A 491 -4.68 -25.04 -2.42
CA ILE A 491 -5.79 -25.98 -2.23
C ILE A 491 -6.28 -26.54 -3.56
N LYS A 492 -6.32 -25.72 -4.62
CA LYS A 492 -6.67 -26.26 -5.92
C LYS A 492 -5.74 -27.39 -6.33
N ILE A 493 -4.48 -27.32 -5.87
CA ILE A 493 -3.49 -28.34 -6.22
C ILE A 493 -3.79 -29.65 -5.49
N VAL A 494 -4.01 -29.58 -4.16
CA VAL A 494 -4.17 -30.81 -3.40
C VAL A 494 -5.46 -31.52 -3.80
N ASN A 495 -6.47 -30.77 -4.26
CA ASN A 495 -7.69 -31.40 -4.74
C ASN A 495 -7.42 -32.16 -6.03
N ALA A 496 -6.68 -31.54 -6.95
CA ALA A 496 -6.29 -32.22 -8.18
C ALA A 496 -5.31 -33.35 -7.92
N ALA A 497 -4.44 -33.19 -6.92
CA ALA A 497 -3.55 -34.29 -6.56
C ALA A 497 -4.33 -35.45 -5.95
N ILE A 498 -5.35 -35.15 -5.16
CA ILE A 498 -6.15 -36.21 -4.56
C ILE A 498 -7.00 -36.90 -5.64
N LYS A 499 -7.50 -36.14 -6.61
CA LYS A 499 -8.28 -36.76 -7.70
C LYS A 499 -7.44 -37.75 -8.48
N GLU A 500 -6.21 -37.39 -8.79
CA GLU A 500 -5.40 -38.22 -9.68
C GLU A 500 -4.72 -39.35 -8.93
N TYR A 501 -4.63 -39.24 -7.61
CA TYR A 501 -3.84 -40.20 -6.84
C TYR A 501 -4.55 -40.77 -5.62
N GLY A 502 -5.76 -40.31 -5.30
CA GLY A 502 -6.38 -40.68 -4.04
C GLY A 502 -5.72 -39.94 -2.90
N ASP A 503 -6.17 -40.23 -1.69
CA ASP A 503 -5.63 -39.55 -0.53
C ASP A 503 -4.20 -40.01 -0.27
N PHE A 504 -3.50 -39.25 0.56
CA PHE A 504 -2.09 -39.46 0.84
C PHE A 504 -1.91 -39.86 2.29
N ASP A 505 -0.84 -40.60 2.56
CA ASP A 505 -0.49 -40.90 3.94
C ASP A 505 -0.13 -39.63 4.70
N ASN A 506 0.51 -38.67 4.03
CA ASN A 506 1.00 -37.47 4.67
C ASN A 506 1.08 -36.38 3.62
N ILE A 507 0.67 -35.17 4.02
CA ILE A 507 0.87 -33.97 3.21
C ILE A 507 1.70 -33.00 4.05
N VAL A 508 2.88 -32.64 3.55
CA VAL A 508 3.89 -31.93 4.32
C VAL A 508 4.00 -30.50 3.82
N ILE A 509 3.97 -29.54 4.73
CA ILE A 509 4.03 -28.12 4.41
C ILE A 509 5.24 -27.51 5.10
N GLU A 510 6.14 -26.95 4.32
CA GLU A 510 7.25 -26.21 4.91
C GLU A 510 6.72 -24.95 5.56
N MET A 511 7.24 -24.65 6.75
CA MET A 511 6.81 -23.48 7.50
C MET A 511 8.02 -22.58 7.77
N ALA A 512 7.76 -21.33 8.06
CA ALA A 512 8.85 -20.47 8.36
C ALA A 512 8.66 -19.96 9.76
N ARG A 513 8.92 -20.87 10.66
CA ARG A 513 8.92 -20.62 12.08
C ARG A 513 10.29 -20.95 12.58
N GLU A 514 10.76 -20.23 13.57
CA GLU A 514 12.05 -20.51 14.11
C GLU A 514 12.05 -21.67 15.08
N THR A 515 13.25 -22.12 15.39
CA THR A 515 13.51 -23.08 16.43
C THR A 515 14.74 -22.43 17.00
N ASN A 516 14.63 -22.01 18.25
CA ASN A 516 15.74 -21.35 18.88
C ASN A 516 16.14 -21.98 20.19
N GLU A 517 17.43 -22.03 20.44
CA GLU A 517 17.89 -22.55 21.70
C GLU A 517 17.77 -21.39 22.66
N ASP A 518 17.91 -21.70 23.93
CA ASP A 518 17.76 -20.75 25.01
C ASP A 518 18.66 -19.54 25.08
N ASP A 519 19.91 -19.64 24.67
CA ASP A 519 20.78 -18.47 24.73
C ASP A 519 20.14 -17.45 23.86
N GLU A 520 19.66 -17.93 22.72
CA GLU A 520 18.98 -17.12 21.74
C GLU A 520 17.62 -16.64 22.23
N LYS A 521 16.87 -17.53 22.86
CA LYS A 521 15.54 -17.18 23.33
C LYS A 521 15.65 -16.08 24.31
N LYS A 522 16.63 -16.17 25.20
CA LYS A 522 16.83 -15.12 26.15
C LYS A 522 17.24 -13.96 25.30
N ALA A 523 17.84 -14.28 24.15
CA ALA A 523 18.31 -13.25 23.24
C ALA A 523 17.17 -12.48 22.58
N ILE A 524 15.95 -12.99 22.62
CA ILE A 524 14.83 -12.28 22.02
C ILE A 524 14.15 -11.37 23.04
N GLN A 525 13.96 -11.83 24.28
CA GLN A 525 13.22 -11.04 25.26
C GLN A 525 14.03 -9.85 25.76
N LYS A 526 15.33 -9.97 25.74
CA LYS A 526 16.17 -8.88 26.13
C LYS A 526 15.94 -7.75 25.16
N ILE A 527 15.80 -8.07 23.89
CA ILE A 527 15.60 -7.07 22.85
C ILE A 527 14.20 -6.52 22.91
N GLN A 528 13.20 -7.40 22.96
CA GLN A 528 11.81 -6.95 23.09
C GLN A 528 11.60 -6.11 24.33
N LYS A 529 12.37 -6.36 25.38
CA LYS A 529 12.29 -5.54 26.58
C LYS A 529 13.02 -4.22 26.39
N ALA A 530 14.13 -4.23 25.66
CA ALA A 530 14.82 -2.98 25.34
C ALA A 530 13.95 -2.08 24.46
N ASN A 531 13.11 -2.68 23.63
CA ASN A 531 12.20 -1.90 22.81
C ASN A 531 11.17 -1.17 23.67
N LYS A 532 10.52 -1.90 24.59
CA LYS A 532 9.54 -1.27 25.47
C LYS A 532 10.18 -0.27 26.41
N ASP A 533 11.48 -0.44 26.71
CA ASP A 533 12.15 0.44 27.66
C ASP A 533 12.34 1.84 27.10
N GLU A 534 12.69 1.95 25.81
CA GLU A 534 12.95 3.28 25.27
C GLU A 534 11.68 4.03 24.91
N LYS A 535 10.57 3.32 24.71
CA LYS A 535 9.30 4.03 24.56
C LYS A 535 8.93 4.73 25.86
N ASP A 536 8.93 3.98 26.98
CA ASP A 536 8.78 4.59 28.29
C ASP A 536 9.80 5.70 28.51
N ALA A 537 11.07 5.44 28.14
CA ALA A 537 12.11 6.43 28.33
C ALA A 537 11.82 7.69 27.52
N ALA A 538 11.26 7.51 26.32
CA ALA A 538 10.92 8.65 25.48
C ALA A 538 9.71 9.40 26.01
N MET A 539 8.70 8.66 26.47
CA MET A 539 7.51 9.30 27.04
C MET A 539 7.85 10.02 28.33
N LEU A 540 8.58 9.35 29.23
CA LEU A 540 9.03 9.99 30.46
C LEU A 540 9.75 11.29 30.18
N LYS A 541 10.62 11.28 29.17
CA LYS A 541 11.39 12.47 28.85
C LYS A 541 10.52 13.53 28.20
N ALA A 542 9.64 13.13 27.28
CA ALA A 542 8.70 14.11 26.73
C ALA A 542 7.86 14.73 27.85
N ALA A 543 7.50 13.91 28.84
CA ALA A 543 6.67 14.39 29.94
C ALA A 543 7.39 15.46 30.76
N ASN A 544 8.64 15.20 31.15
CA ASN A 544 9.34 16.16 31.99
C ASN A 544 9.70 17.41 31.21
N GLN A 545 10.06 17.25 29.93
CA GLN A 545 10.36 18.39 29.09
C GLN A 545 9.13 19.27 28.90
N TYR A 546 7.95 18.66 28.83
CA TYR A 546 6.71 19.39 28.60
C TYR A 546 6.06 19.78 29.92
N ASN A 547 5.50 18.80 30.63
CA ASN A 547 4.75 19.05 31.86
C ASN A 547 5.65 19.30 33.06
N GLY A 548 6.89 18.83 33.03
CA GLY A 548 7.67 18.68 34.23
C GLY A 548 7.29 17.47 35.05
N LYS A 549 6.10 16.91 34.85
CA LYS A 549 5.69 15.68 35.51
C LYS A 549 6.25 14.48 34.76
N ALA A 550 5.94 13.28 35.25
CA ALA A 550 6.48 12.05 34.68
C ALA A 550 5.47 11.36 33.76
N GLU A 551 4.46 12.08 33.29
CA GLU A 551 3.42 11.51 32.46
C GLU A 551 2.81 12.61 31.60
N LEU A 552 2.44 12.25 30.39
CA LEU A 552 1.79 13.28 29.58
C LEU A 552 0.27 13.23 29.76
N PRO A 553 -0.37 14.39 29.81
CA PRO A 553 -1.83 14.42 29.95
C PRO A 553 -2.50 13.78 28.75
N HIS A 554 -3.57 13.04 29.00
CA HIS A 554 -4.28 12.38 27.91
C HIS A 554 -4.88 13.37 26.93
N SER A 555 -4.95 14.65 27.29
CA SER A 555 -5.50 15.67 26.40
C SER A 555 -4.65 15.81 25.14
N VAL A 556 -3.36 15.50 25.21
CA VAL A 556 -2.48 15.77 24.06
C VAL A 556 -2.53 14.71 22.99
N PHE A 557 -3.09 13.53 23.28
CA PHE A 557 -3.16 12.45 22.31
C PHE A 557 -4.44 12.46 21.49
N HIS A 558 -5.29 13.46 21.62
CA HIS A 558 -6.57 13.46 20.94
C HIS A 558 -6.41 13.97 19.52
N GLY A 559 -6.82 13.14 18.55
CA GLY A 559 -6.54 13.44 17.16
C GLY A 559 -5.07 13.37 16.82
N HIS A 560 -4.30 12.62 17.61
CA HIS A 560 -2.85 12.55 17.48
C HIS A 560 -2.34 11.31 18.20
N LYS A 561 -2.91 10.15 17.88
CA LYS A 561 -2.49 8.91 18.50
C LYS A 561 -1.06 8.51 18.10
N GLN A 562 -0.52 9.08 17.02
CA GLN A 562 0.83 8.71 16.62
C GLN A 562 1.89 9.38 17.47
N LEU A 563 1.51 10.18 18.48
CA LEU A 563 2.50 10.90 19.28
C LEU A 563 3.46 9.93 19.97
N ALA A 564 2.96 8.80 20.45
CA ALA A 564 3.82 7.86 21.17
C ALA A 564 5.01 7.44 20.31
N THR A 565 4.78 7.27 19.01
CA THR A 565 5.83 6.89 18.09
C THR A 565 6.66 8.09 17.67
N LYS A 566 6.00 9.20 17.34
CA LYS A 566 6.73 10.43 17.02
C LYS A 566 7.73 10.79 18.11
N ILE A 567 7.35 10.61 19.38
CA ILE A 567 8.26 10.93 20.48
C ILE A 567 9.41 9.93 20.50
N ARG A 568 9.14 8.69 20.12
CA ARG A 568 10.17 7.66 20.21
C ARG A 568 11.29 7.92 19.23
N LEU A 569 10.94 8.14 17.96
CA LEU A 569 11.95 8.55 16.98
C LEU A 569 12.53 9.89 17.35
N TRP A 570 11.69 10.79 17.86
CA TRP A 570 12.17 12.08 18.34
C TRP A 570 13.28 11.92 19.38
N HIS A 571 13.13 10.96 20.30
CA HIS A 571 14.14 10.73 21.32
C HIS A 571 15.39 10.09 20.73
N GLN A 572 15.21 9.30 19.67
CA GLN A 572 16.32 8.62 19.01
C GLN A 572 17.18 9.56 18.16
N GLN A 573 16.61 10.68 17.73
CA GLN A 573 17.35 11.62 16.91
C GLN A 573 17.91 12.78 17.70
N GLY A 574 18.19 12.57 18.99
CA GLY A 574 18.71 13.61 19.85
C GLY A 574 17.84 14.84 19.85
N GLU A 575 16.53 14.66 19.70
CA GLU A 575 15.55 15.73 19.63
C GLU A 575 15.86 16.72 18.54
N ARG A 576 16.60 16.28 17.53
CA ARG A 576 16.97 17.11 16.41
C ARG A 576 16.39 16.50 15.14
N CYS A 577 15.95 17.36 14.24
CA CYS A 577 15.59 16.93 12.90
C CYS A 577 16.86 16.68 12.09
N LEU A 578 16.99 15.46 11.55
CA LEU A 578 18.24 15.05 10.95
C LEU A 578 18.46 15.59 9.53
N TYR A 579 17.50 16.32 8.97
CA TYR A 579 17.70 16.99 7.70
C TYR A 579 17.94 18.49 7.86
N THR A 580 17.26 19.12 8.81
CA THR A 580 17.49 20.54 9.09
C THR A 580 18.72 20.75 9.96
N GLY A 581 18.97 19.83 10.89
CA GLY A 581 19.90 20.11 11.95
C GLY A 581 19.34 20.99 13.04
N LYS A 582 18.01 21.14 13.12
CA LYS A 582 17.37 22.00 14.10
C LYS A 582 16.75 21.17 15.22
N THR A 583 16.70 21.76 16.40
CA THR A 583 16.11 21.09 17.55
C THR A 583 14.59 21.06 17.43
N ILE A 584 14.01 19.96 17.86
CA ILE A 584 12.57 19.78 17.88
C ILE A 584 12.12 19.83 19.33
N SER A 585 11.47 20.93 19.70
CA SER A 585 10.97 21.09 21.04
C SER A 585 9.73 20.26 21.21
N ILE A 586 9.59 19.62 22.36
CA ILE A 586 8.43 18.79 22.58
C ILE A 586 7.22 19.66 22.51
N HIS A 587 7.37 20.91 22.91
CA HIS A 587 6.25 21.82 22.87
C HIS A 587 5.81 22.04 21.47
N ASP A 588 6.75 22.23 20.58
CA ASP A 588 6.41 22.44 19.20
C ASP A 588 5.80 21.19 18.62
N LEU A 589 6.39 20.05 18.91
CA LEU A 589 5.87 18.87 18.31
C LEU A 589 4.43 18.69 18.71
N ILE A 590 4.14 18.45 19.98
CA ILE A 590 2.76 18.28 20.44
C ILE A 590 1.83 19.46 20.22
N ASN A 591 2.29 20.64 20.55
CA ASN A 591 1.47 21.82 20.44
C ASN A 591 1.16 22.38 19.08
N ASN A 592 2.10 22.09 18.19
CA ASN A 592 2.06 22.42 16.78
C ASN A 592 2.54 21.25 15.91
N SER A 593 1.74 20.19 15.91
CA SER A 593 1.99 18.94 15.24
C SER A 593 2.16 18.98 13.73
N ASN A 594 1.53 19.95 13.09
CA ASN A 594 1.58 20.07 11.64
C ASN A 594 2.90 20.46 11.01
N GLN A 595 3.82 20.93 11.81
CA GLN A 595 5.11 21.37 11.33
C GLN A 595 6.01 20.21 11.08
N PHE A 596 5.56 19.02 11.37
CA PHE A 596 6.40 17.85 11.28
C PHE A 596 5.67 16.72 10.56
N GLU A 597 6.48 15.84 9.96
CA GLU A 597 6.01 14.67 9.25
C GLU A 597 7.00 13.55 9.48
N VAL A 598 6.52 12.32 9.37
CA VAL A 598 7.37 11.15 9.50
C VAL A 598 7.83 10.75 8.11
N ASP A 599 9.10 11.04 7.82
CA ASP A 599 9.66 10.70 6.53
C ASP A 599 10.07 9.24 6.50
N ALA A 600 9.76 8.57 5.39
CA ALA A 600 10.40 7.30 5.08
C ALA A 600 11.77 7.61 4.49
N ILE A 601 12.83 7.18 5.19
CA ILE A 601 14.19 7.56 4.82
C ILE A 601 14.48 7.14 3.39
N LEU A 602 14.43 5.84 3.12
CA LEU A 602 14.42 5.34 1.75
C LEU A 602 12.97 5.25 1.30
N PRO A 603 12.54 6.06 0.35
CA PRO A 603 11.11 6.24 0.09
C PRO A 603 10.41 4.91 -0.17
N LEU A 604 9.16 4.83 0.27
CA LEU A 604 8.44 3.56 0.22
C LEU A 604 8.02 3.19 -1.18
N SER A 605 7.98 4.18 -2.10
CA SER A 605 7.73 3.90 -3.50
C SER A 605 8.74 2.92 -4.06
N ILE A 606 9.93 2.91 -3.51
CA ILE A 606 11.03 2.10 -4.01
C ILE A 606 11.30 0.90 -3.12
N THR A 607 11.33 1.10 -1.82
CA THR A 607 11.81 0.07 -0.91
C THR A 607 10.70 -0.76 -0.29
N PHE A 608 9.54 -0.16 -0.02
CA PHE A 608 8.44 -0.84 0.66
C PHE A 608 8.83 -1.30 2.07
N ASP A 609 9.75 -0.56 2.69
CA ASP A 609 10.26 -0.84 4.03
C ASP A 609 9.56 0.10 5.01
N ASP A 610 8.49 -0.38 5.64
CA ASP A 610 7.67 0.45 6.51
C ASP A 610 8.04 0.29 7.99
N SER A 611 9.24 -0.18 8.29
CA SER A 611 9.67 -0.41 9.67
C SER A 611 10.09 0.90 10.33
N LEU A 612 10.28 0.83 11.65
CA LEU A 612 10.73 2.02 12.40
C LEU A 612 12.08 2.49 11.90
N ALA A 613 12.98 1.55 11.58
CA ALA A 613 14.33 1.89 11.18
C ALA A 613 14.37 2.60 9.83
N ASN A 614 13.26 2.69 9.11
CA ASN A 614 13.17 3.49 7.90
C ASN A 614 12.28 4.70 8.11
N LYS A 615 12.34 5.29 9.29
CA LYS A 615 11.53 6.45 9.64
C LYS A 615 12.37 7.40 10.48
N VAL A 616 12.18 8.68 10.25
CA VAL A 616 12.76 9.73 11.08
C VAL A 616 11.76 10.86 11.20
N LEU A 617 11.71 11.48 12.36
CA LEU A 617 10.88 12.66 12.59
C LEU A 617 11.65 13.87 12.11
N VAL A 618 11.06 14.62 11.17
CA VAL A 618 11.71 15.78 10.59
C VAL A 618 10.68 16.89 10.43
N TYR A 619 11.18 18.11 10.28
CA TYR A 619 10.31 19.23 9.92
C TYR A 619 9.63 18.94 8.58
N ALA A 620 8.38 19.43 8.47
CA ALA A 620 7.54 19.04 7.33
C ALA A 620 8.13 19.54 6.01
N THR A 621 8.55 20.82 5.97
CA THR A 621 9.09 21.37 4.74
C THR A 621 10.34 20.63 4.30
N ALA A 622 11.14 20.15 5.25
CA ALA A 622 12.34 19.40 4.90
C ALA A 622 12.01 18.04 4.34
N ASN A 623 10.85 17.49 4.70
CA ASN A 623 10.43 16.21 4.13
C ASN A 623 9.83 16.38 2.75
N GLN A 624 9.14 17.50 2.51
CA GLN A 624 8.57 17.75 1.19
C GLN A 624 9.66 18.07 0.19
N GLU A 625 10.69 18.82 0.59
CA GLU A 625 11.77 19.11 -0.35
C GLU A 625 12.60 17.87 -0.63
N LYS A 626 12.78 17.00 0.35
CA LYS A 626 13.51 15.76 0.14
C LYS A 626 12.88 14.94 -0.98
N GLY A 627 11.56 14.97 -1.09
CA GLY A 627 10.84 14.24 -2.13
C GLY A 627 11.14 12.76 -2.12
N GLN A 628 11.03 12.14 -3.30
CA GLN A 628 11.27 10.71 -3.47
C GLN A 628 12.77 10.45 -3.62
N ARG A 629 13.51 10.75 -2.56
CA ARG A 629 14.95 10.61 -2.59
C ARG A 629 15.44 10.14 -1.25
N THR A 630 16.62 9.54 -1.25
CA THR A 630 17.34 9.22 -0.02
C THR A 630 18.06 10.47 0.48
N PRO A 631 18.41 10.54 1.76
CA PRO A 631 19.14 11.72 2.24
C PRO A 631 20.42 11.97 1.45
N TYR A 632 21.17 10.91 1.14
CA TYR A 632 22.38 11.06 0.35
C TYR A 632 22.09 11.76 -0.97
N GLN A 633 21.12 11.24 -1.72
CA GLN A 633 20.79 11.85 -3.00
C GLN A 633 20.24 13.26 -2.83
N ALA A 634 19.62 13.57 -1.70
CA ALA A 634 18.79 14.77 -1.58
C ALA A 634 19.38 15.89 -0.74
N LEU A 635 20.14 15.58 0.32
CA LEU A 635 20.46 16.59 1.33
C LEU A 635 21.23 17.77 0.73
N ASP A 636 22.40 17.50 0.17
CA ASP A 636 23.24 18.58 -0.34
C ASP A 636 22.50 19.48 -1.32
N SER A 637 21.56 18.93 -2.09
CA SER A 637 20.76 19.71 -3.03
C SER A 637 19.65 20.51 -2.36
N MET A 638 19.29 20.18 -1.12
CA MET A 638 18.20 20.86 -0.45
C MET A 638 18.65 22.22 0.06
N ASP A 639 17.80 23.24 -0.16
CA ASP A 639 18.18 24.60 0.20
C ASP A 639 18.19 24.81 1.71
N ASP A 640 17.17 24.33 2.38
CA ASP A 640 17.15 24.49 3.79
C ASP A 640 17.52 23.18 4.36
N ALA A 641 18.80 22.96 4.56
CA ALA A 641 19.23 21.72 5.14
C ALA A 641 20.68 21.74 5.54
N TRP A 642 21.07 20.86 6.45
CA TRP A 642 22.46 20.78 6.80
C TRP A 642 23.10 19.88 5.77
N SER A 643 24.41 19.95 5.63
CA SER A 643 25.10 19.18 4.66
C SER A 643 25.08 17.70 4.96
N PHE A 644 25.19 16.90 3.92
CA PHE A 644 25.23 15.45 4.14
C PHE A 644 26.41 15.05 5.01
N ARG A 645 27.48 15.81 5.00
CA ARG A 645 28.62 15.49 5.85
C ARG A 645 28.26 15.64 7.32
N GLU A 646 27.54 16.70 7.64
CA GLU A 646 27.10 16.91 9.00
C GLU A 646 26.20 15.78 9.47
N LEU A 647 25.32 15.33 8.61
CA LEU A 647 24.45 14.23 8.95
C LEU A 647 25.26 13.00 9.18
N LYS A 648 26.28 12.74 8.38
CA LYS A 648 27.11 11.57 8.59
C LYS A 648 27.77 11.64 9.92
N ALA A 649 28.29 12.81 10.28
CA ALA A 649 28.97 12.96 11.52
C ALA A 649 28.05 12.66 12.66
N PHE A 650 26.87 13.22 12.61
CA PHE A 650 25.92 13.02 13.69
C PHE A 650 25.57 11.57 13.82
N VAL A 651 25.31 10.93 12.70
CA VAL A 651 24.90 9.54 12.79
C VAL A 651 25.97 8.66 13.38
N ARG A 652 27.21 8.79 12.93
CA ARG A 652 28.22 7.90 13.51
C ARG A 652 28.57 8.25 14.92
N GLU A 653 28.53 9.54 15.22
CA GLU A 653 28.90 10.06 16.53
C GLU A 653 28.04 9.59 17.70
N SER A 654 26.73 9.49 17.49
CA SER A 654 25.86 9.13 18.61
C SER A 654 25.69 7.65 18.98
N LYS A 655 24.94 7.44 20.06
CA LYS A 655 24.60 6.15 20.63
C LYS A 655 23.11 6.07 20.89
N THR A 656 22.32 6.51 19.91
CA THR A 656 20.87 6.50 20.04
C THR A 656 20.19 5.81 18.87
N LEU A 657 20.72 6.00 17.66
CA LEU A 657 20.13 5.39 16.48
C LEU A 657 20.46 3.91 16.41
N SER A 658 19.52 3.12 15.89
CA SER A 658 19.76 1.70 15.78
C SER A 658 20.79 1.41 14.68
N ASN A 659 21.28 0.18 14.67
CA ASN A 659 22.27 -0.23 13.68
C ASN A 659 21.70 -0.13 12.27
N LYS A 660 20.50 -0.67 12.06
CA LYS A 660 19.89 -0.64 10.74
C LYS A 660 19.43 0.75 10.35
N LYS A 661 19.06 1.57 11.33
CA LYS A 661 18.70 2.95 11.00
C LYS A 661 19.90 3.73 10.51
N LYS A 662 21.11 3.37 10.94
CA LYS A 662 22.29 4.11 10.54
C LYS A 662 22.66 3.82 9.09
N GLU A 663 22.56 2.56 8.65
CA GLU A 663 22.84 2.24 7.25
C GLU A 663 21.89 2.98 6.32
N TYR A 664 20.60 3.00 6.64
CA TYR A 664 19.61 3.58 5.75
C TYR A 664 19.76 5.08 5.64
N LEU A 665 20.26 5.73 6.68
CA LEU A 665 20.38 7.18 6.60
C LEU A 665 21.58 7.63 5.77
N LEU A 666 22.50 6.71 5.44
CA LEU A 666 23.74 7.09 4.79
C LEU A 666 24.09 6.24 3.57
N THR A 667 23.20 5.36 3.13
CA THR A 667 23.50 4.57 1.93
C THR A 667 23.73 5.50 0.76
N GLU A 668 24.93 5.46 0.21
CA GLU A 668 25.23 6.17 -1.02
C GLU A 668 24.84 5.38 -2.24
N GLU A 669 23.99 4.38 -2.05
CA GLU A 669 23.48 3.55 -3.13
C GLU A 669 22.38 4.31 -3.84
N ASP A 670 22.52 4.51 -5.15
CA ASP A 670 21.51 5.20 -5.93
C ASP A 670 20.39 4.22 -6.25
N ILE A 671 19.62 3.89 -5.21
CA ILE A 671 18.50 2.99 -5.39
C ILE A 671 17.51 3.61 -6.37
N SER A 672 16.74 2.75 -7.03
CA SER A 672 15.80 3.21 -8.03
C SER A 672 14.63 2.24 -8.09
N LYS A 673 13.52 2.73 -8.60
CA LYS A 673 12.32 1.92 -8.70
C LYS A 673 12.40 0.79 -9.69
N PHE A 674 13.36 0.87 -10.60
CA PHE A 674 13.48 -0.12 -11.66
C PHE A 674 14.75 -0.96 -11.54
N ASP A 675 15.44 -0.91 -10.40
CA ASP A 675 16.61 -1.75 -10.20
C ASP A 675 16.22 -3.22 -10.26
N VAL A 676 17.05 -4.01 -10.94
CA VAL A 676 16.80 -5.43 -11.09
C VAL A 676 16.97 -6.13 -9.73
N ILE A 681 11.48 -7.83 0.61
CA ILE A 681 10.66 -6.96 1.47
C ILE A 681 9.95 -7.80 2.52
N GLU A 682 9.57 -7.16 3.63
CA GLU A 682 9.05 -7.91 4.76
C GLU A 682 7.61 -8.38 4.52
N ARG A 683 6.90 -7.73 3.63
CA ARG A 683 5.57 -8.15 3.33
C ARG A 683 5.64 -9.58 2.82
N ASN A 684 6.70 -9.91 2.11
CA ASN A 684 6.83 -11.25 1.55
C ASN A 684 6.87 -12.30 2.64
N LEU A 685 7.55 -11.99 3.75
CA LEU A 685 7.69 -12.97 4.83
C LEU A 685 6.40 -13.10 5.63
N VAL A 686 5.76 -11.98 5.95
CA VAL A 686 4.50 -12.04 6.69
C VAL A 686 3.47 -12.85 5.93
N ASP A 687 3.32 -12.57 4.63
CA ASP A 687 2.27 -13.19 3.85
C ASP A 687 2.56 -14.64 3.50
N THR A 688 3.83 -15.01 3.37
CA THR A 688 4.15 -16.43 3.19
C THR A 688 3.77 -17.23 4.43
N ARG A 689 4.15 -16.71 5.61
CA ARG A 689 3.74 -17.33 6.86
C ARG A 689 2.22 -17.43 6.94
N TYR A 690 1.52 -16.37 6.56
CA TYR A 690 0.06 -16.36 6.62
C TYR A 690 -0.52 -17.41 5.69
N ALA A 691 -0.07 -17.42 4.44
CA ALA A 691 -0.64 -18.35 3.46
C ALA A 691 -0.39 -19.80 3.86
N SER A 692 0.85 -20.15 4.19
CA SER A 692 1.19 -21.53 4.53
C SER A 692 0.38 -21.99 5.72
N ARG A 693 0.25 -21.14 6.72
CA ARG A 693 -0.51 -21.47 7.90
C ARG A 693 -1.96 -21.80 7.57
N VAL A 694 -2.65 -20.93 6.86
CA VAL A 694 -4.07 -21.14 6.56
C VAL A 694 -4.27 -22.48 5.87
N VAL A 695 -3.39 -22.79 4.93
CA VAL A 695 -3.47 -24.07 4.24
C VAL A 695 -3.31 -25.22 5.23
N LEU A 696 -2.35 -25.10 6.15
CA LEU A 696 -2.13 -26.16 7.12
C LEU A 696 -3.39 -26.40 7.95
N ASN A 697 -3.84 -25.38 8.67
CA ASN A 697 -5.04 -25.49 9.50
C ASN A 697 -6.22 -26.04 8.72
N ALA A 698 -6.43 -25.54 7.51
CA ALA A 698 -7.55 -26.01 6.70
C ALA A 698 -7.42 -27.49 6.37
N LEU A 699 -6.19 -27.98 6.23
CA LEU A 699 -6.00 -29.39 5.92
C LEU A 699 -6.29 -30.27 7.13
N GLN A 700 -5.73 -29.93 8.29
CA GLN A 700 -5.97 -30.70 9.49
C GLN A 700 -7.46 -30.82 9.77
N GLU A 701 -8.14 -29.68 9.85
CA GLU A 701 -9.56 -29.65 10.17
C GLU A 701 -10.39 -30.37 9.12
N HIS A 702 -9.93 -30.39 7.87
CA HIS A 702 -10.67 -31.12 6.85
C HIS A 702 -10.53 -32.63 7.01
N PHE A 703 -9.39 -33.09 7.50
CA PHE A 703 -9.13 -34.52 7.63
C PHE A 703 -9.69 -35.11 8.93
N ARG A 704 -10.21 -34.29 9.83
CA ARG A 704 -10.92 -34.80 11.00
C ARG A 704 -12.42 -34.78 10.81
N ALA A 705 -12.97 -33.63 10.44
CA ALA A 705 -14.40 -33.53 10.16
C ALA A 705 -14.83 -34.50 9.08
N HIS A 706 -13.90 -35.03 8.30
CA HIS A 706 -14.20 -36.07 7.34
C HIS A 706 -13.51 -37.39 7.64
N LYS A 707 -12.61 -37.43 8.63
CA LYS A 707 -11.95 -38.66 9.08
C LYS A 707 -11.29 -39.37 7.90
N ILE A 708 -10.37 -38.66 7.24
CA ILE A 708 -9.59 -39.25 6.16
C ILE A 708 -8.30 -39.88 6.67
N ASP A 709 -7.79 -39.43 7.83
CA ASP A 709 -6.56 -39.95 8.43
C ASP A 709 -5.37 -39.80 7.48
N THR A 710 -5.42 -38.76 6.65
CA THR A 710 -4.23 -38.26 5.98
C THR A 710 -3.46 -37.42 7.00
N LYS A 711 -2.29 -37.90 7.40
CA LYS A 711 -1.48 -37.12 8.33
C LYS A 711 -1.06 -35.80 7.67
N VAL A 712 -0.77 -34.81 8.51
CA VAL A 712 -0.39 -33.48 8.04
C VAL A 712 0.76 -33.01 8.93
N SER A 713 1.98 -33.03 8.40
CA SER A 713 3.17 -32.71 9.18
C SER A 713 3.78 -31.39 8.72
N VAL A 714 4.74 -30.92 9.49
CA VAL A 714 5.32 -29.59 9.34
C VAL A 714 6.83 -29.69 9.36
N VAL A 715 7.48 -28.95 8.45
CA VAL A 715 8.92 -28.85 8.38
C VAL A 715 9.29 -27.37 8.37
N ARG A 716 10.41 -27.03 8.99
CA ARG A 716 10.87 -25.65 9.04
C ARG A 716 11.95 -25.39 8.00
N GLY A 717 12.00 -24.14 7.55
CA GLY A 717 12.84 -23.80 6.40
C GLY A 717 14.31 -23.94 6.69
N GLN A 718 14.75 -23.57 7.90
CA GLN A 718 16.18 -23.63 8.21
C GLN A 718 16.68 -25.07 8.19
N PHE A 719 15.80 -26.03 8.48
CA PHE A 719 16.20 -27.43 8.41
C PHE A 719 16.31 -27.89 6.95
N THR A 720 15.36 -27.48 6.11
CA THR A 720 15.45 -27.83 4.69
C THR A 720 16.66 -27.18 4.03
N SER A 721 17.07 -26.02 4.50
CA SER A 721 18.21 -25.34 3.90
C SER A 721 19.51 -26.10 4.14
N GLN A 722 19.72 -26.60 5.37
CA GLN A 722 20.93 -27.35 5.65
C GLN A 722 20.85 -28.75 5.07
N LEU A 723 19.65 -29.34 5.03
CA LEU A 723 19.48 -30.63 4.35
C LEU A 723 19.89 -30.51 2.89
N ARG A 724 19.40 -29.47 2.21
CA ARG A 724 19.77 -29.26 0.82
C ARG A 724 21.28 -29.12 0.67
N ARG A 725 21.92 -28.44 1.62
CA ARG A 725 23.37 -28.35 1.62
C ARG A 725 24.01 -29.71 1.91
N HIS A 726 23.46 -30.45 2.87
CA HIS A 726 24.00 -31.76 3.21
C HIS A 726 23.90 -32.71 2.02
N TRP A 727 22.73 -32.80 1.41
CA TRP A 727 22.60 -33.56 0.18
C TRP A 727 23.30 -32.81 -0.97
N GLY A 728 23.40 -33.50 -2.11
CA GLY A 728 24.06 -32.90 -3.26
C GLY A 728 23.11 -32.11 -4.13
N ILE A 729 22.51 -31.07 -3.55
CA ILE A 729 21.49 -30.27 -4.21
C ILE A 729 22.12 -28.98 -4.73
N GLU A 730 21.93 -28.72 -6.02
CA GLU A 730 22.43 -27.51 -6.67
C GLU A 730 21.24 -26.75 -7.25
N LYS A 731 21.24 -25.43 -7.05
CA LYS A 731 20.18 -24.57 -7.54
C LYS A 731 20.61 -23.92 -8.85
N THR A 732 19.84 -24.15 -9.90
CA THR A 732 20.10 -23.47 -11.16
C THR A 732 19.80 -21.98 -11.03
N ARG A 733 20.70 -21.16 -11.58
CA ARG A 733 20.60 -19.71 -11.45
C ARG A 733 19.33 -19.19 -12.10
N ASP A 734 18.49 -18.51 -11.31
CA ASP A 734 17.34 -17.76 -11.81
C ASP A 734 16.36 -18.66 -12.56
N THR A 735 15.98 -19.76 -11.95
CA THR A 735 15.07 -20.70 -12.61
C THR A 735 14.02 -21.18 -11.63
N TYR A 736 12.83 -21.45 -12.17
CA TYR A 736 11.67 -21.96 -11.46
C TYR A 736 11.80 -23.42 -11.05
N HIS A 737 12.93 -24.07 -11.34
CA HIS A 737 13.07 -25.46 -10.98
C HIS A 737 13.11 -25.67 -9.47
N HIS A 738 13.67 -24.70 -8.73
CA HIS A 738 13.96 -24.93 -7.33
C HIS A 738 12.72 -24.97 -6.46
N HIS A 739 11.60 -24.41 -6.94
CA HIS A 739 10.35 -24.55 -6.18
C HIS A 739 9.90 -26.00 -6.15
N ALA A 740 10.10 -26.73 -7.25
CA ALA A 740 9.66 -28.12 -7.31
C ALA A 740 10.51 -29.01 -6.41
N VAL A 741 11.84 -28.94 -6.54
CA VAL A 741 12.68 -29.85 -5.79
C VAL A 741 12.68 -29.51 -4.32
N ASP A 742 12.43 -28.23 -3.97
CA ASP A 742 12.24 -27.90 -2.56
C ASP A 742 11.08 -28.69 -1.99
N ALA A 743 9.98 -28.80 -2.74
CA ALA A 743 8.82 -29.56 -2.30
C ALA A 743 9.16 -31.03 -2.12
N LEU A 744 10.05 -31.57 -2.94
CA LEU A 744 10.43 -32.97 -2.77
C LEU A 744 11.36 -33.16 -1.58
N ILE A 745 12.18 -32.15 -1.28
CA ILE A 745 12.91 -32.16 -0.03
C ILE A 745 11.94 -32.11 1.13
N ILE A 746 10.80 -31.43 0.95
CA ILE A 746 9.78 -31.36 2.00
C ILE A 746 9.13 -32.73 2.19
N ALA A 747 8.72 -33.36 1.12
CA ALA A 747 8.11 -34.67 1.29
C ALA A 747 9.10 -35.63 1.90
N ALA A 748 10.32 -35.57 1.43
CA ALA A 748 11.35 -36.44 1.95
C ALA A 748 11.68 -36.21 3.41
N SER A 749 11.56 -34.97 3.87
CA SER A 749 11.89 -34.69 5.26
C SER A 749 11.00 -35.51 6.16
N SER A 750 9.75 -35.63 5.78
CA SER A 750 8.81 -36.37 6.57
C SER A 750 9.11 -37.85 6.70
N GLN A 751 9.63 -38.49 5.67
CA GLN A 751 9.89 -39.93 5.78
C GLN A 751 11.30 -40.30 6.21
N LEU A 752 11.97 -39.37 6.84
CA LEU A 752 13.33 -39.55 7.34
C LEU A 752 13.49 -40.54 8.48
N ASN A 753 12.52 -40.60 9.38
CA ASN A 753 12.61 -41.54 10.48
C ASN A 753 12.59 -42.92 9.89
N LEU A 754 11.72 -43.13 8.92
CA LEU A 754 11.64 -44.41 8.27
C LEU A 754 12.96 -44.67 7.58
N PRO A 792 16.26 -47.36 -0.47
CA PRO A 792 15.21 -46.49 -1.01
C PRO A 792 15.46 -45.02 -0.71
N TYR A 793 16.12 -44.75 0.42
CA TYR A 793 16.54 -43.39 0.75
C TYR A 793 17.61 -42.90 -0.23
N GLN A 794 18.63 -43.70 -0.45
CA GLN A 794 19.67 -43.27 -1.37
C GLN A 794 19.08 -43.22 -2.78
N HIS A 795 18.10 -44.06 -3.07
CA HIS A 795 17.51 -44.08 -4.39
C HIS A 795 16.89 -42.77 -4.73
N PHE A 796 16.12 -42.26 -3.78
CA PHE A 796 15.43 -41.04 -4.04
C PHE A 796 16.46 -39.98 -4.31
N VAL A 797 17.50 -39.93 -3.49
CA VAL A 797 18.52 -38.92 -3.69
C VAL A 797 19.27 -39.00 -5.00
N ASP A 798 19.59 -40.20 -5.43
CA ASP A 798 20.32 -40.37 -6.66
C ASP A 798 19.44 -39.89 -7.80
N THR A 799 18.17 -40.25 -7.70
CA THR A 799 17.25 -39.89 -8.72
C THR A 799 17.24 -38.37 -8.77
N LEU A 800 17.22 -37.76 -7.60
CA LEU A 800 17.20 -36.32 -7.47
C LEU A 800 18.42 -35.57 -8.03
N LYS A 801 19.59 -36.14 -7.74
CA LYS A 801 20.89 -35.65 -8.16
C LYS A 801 21.11 -35.78 -9.67
N SER A 802 20.38 -36.69 -10.26
CA SER A 802 20.54 -36.93 -11.65
C SER A 802 20.52 -35.60 -12.37
N LYS A 803 21.48 -35.43 -13.26
CA LYS A 803 21.62 -34.25 -14.09
C LYS A 803 20.39 -34.21 -14.95
N GLU A 804 19.94 -35.39 -15.34
CA GLU A 804 18.78 -35.56 -16.18
C GLU A 804 17.44 -35.23 -15.52
N PHE A 805 17.41 -35.06 -14.22
CA PHE A 805 16.17 -34.78 -13.52
C PHE A 805 15.40 -33.48 -13.81
N GLU A 806 16.09 -32.35 -13.84
CA GLU A 806 15.41 -31.09 -14.08
C GLU A 806 14.75 -30.92 -15.43
N ASP A 807 15.39 -31.37 -16.49
CA ASP A 807 14.90 -31.27 -17.85
C ASP A 807 13.53 -31.92 -18.04
N SER A 808 12.96 -32.55 -17.01
CA SER A 808 11.64 -33.14 -17.12
C SER A 808 10.72 -32.74 -15.97
N ILE A 809 11.01 -31.62 -15.31
CA ILE A 809 10.11 -31.05 -14.31
C ILE A 809 9.03 -30.25 -15.02
N LEU A 810 7.78 -30.41 -14.58
CA LEU A 810 6.67 -29.76 -15.24
C LEU A 810 6.40 -28.38 -14.65
N PHE A 811 5.79 -27.53 -15.46
CA PHE A 811 5.47 -26.17 -15.06
C PHE A 811 4.04 -25.84 -15.43
N SER A 812 3.36 -25.12 -14.56
CA SER A 812 2.01 -24.64 -14.83
C SER A 812 1.94 -23.20 -14.38
N TYR A 813 1.33 -22.36 -15.20
CA TYR A 813 1.25 -20.94 -14.92
C TYR A 813 -0.21 -20.53 -14.83
N GLN A 814 -0.49 -19.58 -13.94
CA GLN A 814 -1.83 -19.03 -13.79
C GLN A 814 -2.03 -17.97 -14.86
N VAL A 815 -2.92 -18.24 -15.81
CA VAL A 815 -3.21 -17.29 -16.87
C VAL A 815 -3.93 -16.08 -16.28
N ASP A 816 -3.66 -14.90 -16.83
CA ASP A 816 -4.35 -13.67 -16.44
C ASP A 816 -5.23 -13.20 -17.60
N SER A 817 -6.53 -13.37 -17.43
CA SER A 817 -7.53 -12.95 -18.42
C SER A 817 -8.15 -11.62 -18.09
N LYS A 818 -7.78 -11.02 -16.97
CA LYS A 818 -8.54 -9.89 -16.46
C LYS A 818 -8.33 -8.66 -17.33
N PHE A 819 -9.43 -8.02 -17.73
CA PHE A 819 -9.31 -6.74 -18.41
C PHE A 819 -9.36 -5.62 -17.37
N ASN A 820 -9.22 -4.39 -17.85
CA ASN A 820 -9.28 -3.19 -17.01
C ASN A 820 -8.18 -3.16 -15.96
N ARG A 821 -7.00 -3.61 -16.32
CA ARG A 821 -5.83 -3.30 -15.51
C ARG A 821 -5.35 -1.91 -15.89
N LYS A 822 -4.23 -1.49 -15.32
CA LYS A 822 -3.64 -0.20 -15.62
C LYS A 822 -3.37 -0.05 -17.11
N ILE A 823 -3.94 0.99 -17.71
CA ILE A 823 -4.05 1.04 -19.18
C ILE A 823 -2.79 1.60 -19.85
N SER A 824 -2.04 2.46 -19.17
CA SER A 824 -0.93 3.14 -19.79
C SER A 824 -0.02 3.68 -18.69
N ASP A 825 1.08 4.26 -19.11
CA ASP A 825 1.84 5.11 -18.21
C ASP A 825 1.02 6.33 -17.87
N ALA A 826 1.41 7.00 -16.78
CA ALA A 826 0.64 8.13 -16.27
C ALA A 826 1.08 9.46 -16.84
N THR A 827 2.31 9.57 -17.35
CA THR A 827 2.76 10.85 -17.89
C THR A 827 1.83 11.34 -18.97
N ILE A 828 1.50 12.61 -18.92
CA ILE A 828 0.59 13.24 -19.86
C ILE A 828 1.46 14.10 -20.79
N TYR A 829 1.51 13.71 -22.06
CA TYR A 829 2.53 14.18 -22.98
C TYR A 829 1.98 15.21 -23.94
N ALA A 830 2.71 16.32 -24.08
CA ALA A 830 2.44 17.23 -25.17
C ALA A 830 3.09 16.74 -26.46
N THR A 831 2.56 17.21 -27.58
CA THR A 831 3.16 17.00 -28.89
C THR A 831 3.25 18.34 -29.61
N ARG A 832 4.16 18.40 -30.59
CA ARG A 832 4.29 19.54 -31.49
C ARG A 832 4.67 19.04 -32.89
N GLN A 833 4.46 19.94 -33.86
CA GLN A 833 4.90 19.72 -35.23
C GLN A 833 6.30 20.30 -35.40
N ALA A 834 7.26 19.47 -35.78
CA ALA A 834 8.61 19.96 -36.01
C ALA A 834 9.33 19.06 -37.01
N LYS A 835 10.41 19.60 -37.58
CA LYS A 835 11.37 18.83 -38.35
C LYS A 835 12.61 18.64 -37.50
N VAL A 836 12.96 17.39 -37.22
CA VAL A 836 14.08 17.04 -36.38
C VAL A 836 14.93 16.01 -37.11
N GLY A 837 16.24 16.13 -37.01
CA GLY A 837 17.13 15.14 -37.59
C GLY A 837 17.10 15.09 -39.11
N LYS A 838 16.64 13.98 -39.66
CA LYS A 838 16.62 13.72 -41.09
C LYS A 838 15.34 13.95 -41.85
N ASP A 839 14.36 14.61 -41.28
CA ASP A 839 13.10 14.82 -42.00
C ASP A 839 12.97 16.21 -42.55
N LYS A 840 12.36 16.37 -43.72
CA LYS A 840 12.14 17.70 -44.29
C LYS A 840 10.67 18.00 -44.50
N ALA A 841 9.86 17.22 -43.84
CA ALA A 841 8.44 17.36 -43.83
C ALA A 841 8.18 17.48 -42.34
N ASP A 842 7.25 18.32 -41.93
CA ASP A 842 6.95 18.47 -40.54
C ASP A 842 6.42 17.17 -40.06
N GLU A 843 6.73 16.82 -38.83
CA GLU A 843 6.31 15.59 -38.18
C GLU A 843 5.73 15.90 -36.81
N THR A 844 4.96 14.97 -36.26
CA THR A 844 4.43 15.09 -34.90
C THR A 844 5.42 14.47 -33.93
N TYR A 845 6.05 15.29 -33.10
CA TYR A 845 7.01 14.83 -32.11
C TYR A 845 6.40 14.92 -30.71
N VAL A 846 6.54 13.86 -29.93
CA VAL A 846 6.19 13.90 -28.51
C VAL A 846 7.28 14.66 -27.79
N LEU A 847 6.87 15.61 -26.95
CA LEU A 847 7.84 16.35 -26.15
C LEU A 847 8.19 15.60 -24.88
N GLY A 848 9.32 16.00 -24.33
CA GLY A 848 9.86 15.49 -23.10
C GLY A 848 10.37 16.72 -22.43
N LYS A 849 10.60 16.67 -21.14
CA LYS A 849 11.12 17.82 -20.44
C LYS A 849 12.05 17.47 -19.30
N ILE A 850 13.08 18.27 -19.09
CA ILE A 850 14.00 18.06 -18.00
C ILE A 850 13.38 18.88 -16.92
N LYS A 851 13.05 18.27 -15.82
CA LYS A 851 12.28 18.96 -14.78
C LYS A 851 13.13 20.00 -14.07
N ASP A 852 14.39 19.70 -13.79
CA ASP A 852 15.27 20.64 -13.14
C ASP A 852 16.70 20.44 -13.62
N ILE A 853 17.27 21.46 -14.24
CA ILE A 853 18.61 21.38 -14.82
C ILE A 853 19.72 21.54 -13.80
N TYR A 854 19.39 21.80 -12.54
CA TYR A 854 20.40 22.04 -11.52
C TYR A 854 20.76 20.80 -10.71
N THR A 855 20.09 19.68 -10.94
CA THR A 855 20.54 18.39 -10.43
C THR A 855 21.55 17.80 -11.41
N GLN A 856 22.36 16.85 -10.93
CA GLN A 856 23.27 16.18 -11.85
C GLN A 856 22.48 15.38 -12.87
N ASP A 857 21.47 14.62 -12.44
CA ASP A 857 20.59 13.96 -13.38
C ASP A 857 19.98 14.95 -14.37
N GLY A 858 19.68 16.16 -13.91
CA GLY A 858 19.13 17.15 -14.83
C GLY A 858 20.16 17.61 -15.85
N TYR A 859 21.41 17.78 -15.43
CA TYR A 859 22.43 18.24 -16.35
C TYR A 859 22.92 17.13 -17.25
N ASP A 860 23.16 15.93 -16.72
CA ASP A 860 23.54 14.81 -17.58
C ASP A 860 22.53 14.58 -18.68
N ALA A 861 21.24 14.68 -18.35
CA ALA A 861 20.24 14.58 -19.41
C ALA A 861 20.41 15.69 -20.43
N PHE A 862 20.78 16.87 -19.96
CA PHE A 862 20.93 18.01 -20.85
C PHE A 862 22.03 17.73 -21.89
N MET A 863 23.15 17.19 -21.45
CA MET A 863 24.28 17.00 -22.35
C MET A 863 24.02 15.87 -23.34
N LYS A 864 23.34 14.79 -22.90
CA LYS A 864 22.97 13.73 -23.84
C LYS A 864 22.22 14.31 -25.03
N ILE A 865 21.26 15.19 -24.77
CA ILE A 865 20.50 15.84 -25.84
C ILE A 865 21.36 16.88 -26.55
N TYR A 866 22.28 17.49 -25.81
CA TYR A 866 23.07 18.58 -26.36
C TYR A 866 24.10 18.07 -27.35
N LYS A 867 24.85 17.05 -26.96
CA LYS A 867 25.86 16.50 -27.84
C LYS A 867 25.24 15.85 -29.06
N LYS A 868 24.01 15.38 -28.94
CA LYS A 868 23.37 14.67 -30.04
C LYS A 868 22.71 15.63 -31.03
N ASP A 869 21.97 16.62 -30.53
CA ASP A 869 21.22 17.54 -31.39
C ASP A 869 20.65 18.67 -30.54
N LYS A 870 21.40 19.77 -30.43
CA LYS A 870 20.95 20.92 -29.67
C LYS A 870 19.61 21.42 -30.15
N SER A 871 19.29 21.23 -31.43
CA SER A 871 18.02 21.72 -31.97
C SER A 871 16.82 20.99 -31.39
N LYS A 872 17.05 19.88 -30.67
CA LYS A 872 15.94 19.20 -29.99
C LYS A 872 15.34 20.10 -28.91
N PHE A 873 16.17 20.85 -28.20
CA PHE A 873 15.64 21.79 -27.21
C PHE A 873 14.74 22.81 -27.86
N LEU A 874 13.56 23.02 -27.27
CA LEU A 874 12.61 23.97 -27.84
C LEU A 874 13.10 25.39 -27.69
N MET A 875 13.98 25.66 -26.72
CA MET A 875 14.48 27.02 -26.54
C MET A 875 15.49 27.35 -27.61
N TYR A 876 16.31 26.38 -27.99
CA TYR A 876 17.21 26.58 -29.11
C TYR A 876 16.46 27.12 -30.31
N ARG A 877 15.25 26.63 -30.55
CA ARG A 877 14.49 27.05 -31.70
C ARG A 877 13.63 28.27 -31.46
N HIS A 878 13.09 28.44 -30.25
CA HIS A 878 12.16 29.53 -29.97
C HIS A 878 12.76 30.61 -29.10
N ASP A 879 13.99 30.43 -28.64
CA ASP A 879 14.66 31.50 -27.92
C ASP A 879 16.17 31.40 -28.11
N PRO A 880 16.68 31.48 -29.35
CA PRO A 880 18.13 31.27 -29.55
C PRO A 880 18.99 32.26 -28.79
N GLN A 881 18.46 33.44 -28.44
CA GLN A 881 19.23 34.40 -27.66
C GLN A 881 19.60 33.82 -26.29
N THR A 882 18.61 33.31 -25.56
CA THR A 882 18.90 32.70 -24.27
C THR A 882 19.85 31.52 -24.44
N PHE A 883 19.61 30.69 -25.43
CA PHE A 883 20.43 29.50 -25.58
C PHE A 883 21.87 29.88 -25.91
N GLU A 884 22.05 30.76 -26.89
CA GLU A 884 23.38 31.09 -27.39
C GLU A 884 24.11 32.09 -26.50
N LYS A 885 23.39 33.00 -25.85
CA LYS A 885 24.02 34.07 -25.10
C LYS A 885 23.91 33.94 -23.59
N VAL A 886 23.29 32.87 -23.09
CA VAL A 886 23.24 32.65 -21.65
C VAL A 886 23.76 31.27 -21.31
N ILE A 887 23.20 30.23 -21.94
CA ILE A 887 23.51 28.87 -21.53
C ILE A 887 24.82 28.37 -22.12
N GLU A 888 25.12 28.70 -23.37
CA GLU A 888 26.40 28.30 -23.95
C GLU A 888 27.60 28.90 -23.21
N PRO A 889 27.66 30.21 -22.96
CA PRO A 889 28.71 30.72 -22.05
C PRO A 889 28.80 29.99 -20.72
N ILE A 890 27.67 29.65 -20.10
CA ILE A 890 27.70 28.99 -18.80
C ILE A 890 28.42 27.65 -18.91
N LEU A 891 28.05 26.84 -19.89
CA LEU A 891 28.76 25.58 -20.11
C LEU A 891 30.23 25.83 -20.37
N GLU A 892 30.58 26.97 -20.97
CA GLU A 892 31.97 27.25 -21.32
C GLU A 892 32.80 27.70 -20.13
N ASN A 893 32.19 28.38 -19.16
CA ASN A 893 32.94 29.08 -18.12
C ASN A 893 32.76 28.49 -16.72
N TYR A 894 32.13 27.34 -16.59
CA TYR A 894 31.97 26.71 -15.28
C TYR A 894 32.37 25.24 -15.33
N PRO A 895 32.97 24.74 -14.26
CA PRO A 895 33.47 23.36 -14.30
C PRO A 895 32.34 22.35 -14.34
N ASN A 896 32.61 21.23 -14.99
CA ASN A 896 31.72 20.08 -14.96
C ASN A 896 32.25 18.97 -14.08
N LYS A 897 33.32 19.23 -13.33
CA LYS A 897 33.87 18.28 -12.39
C LYS A 897 34.53 19.07 -11.25
N GLN A 898 34.91 18.35 -10.20
CA GLN A 898 35.51 18.98 -9.03
C GLN A 898 36.06 17.95 -8.04
N ILE A 899 37.02 18.39 -7.24
CA ILE A 899 37.62 17.60 -6.19
C ILE A 899 36.62 17.67 -5.06
N ASN A 900 36.22 16.50 -4.58
CA ASN A 900 35.23 16.36 -3.53
C ASN A 900 35.80 16.36 -2.14
N GLU A 901 35.01 15.88 -1.21
CA GLU A 901 35.41 15.78 0.17
C GLU A 901 36.60 14.87 0.35
N LYS A 902 36.58 13.76 -0.37
CA LYS A 902 37.57 12.72 -0.25
C LYS A 902 38.76 12.86 -1.19
N GLY A 903 38.91 14.03 -1.77
CA GLY A 903 39.97 14.25 -2.72
C GLY A 903 39.80 13.37 -3.93
N LYS A 904 38.56 13.23 -4.37
CA LYS A 904 38.29 12.45 -5.56
C LYS A 904 37.51 13.30 -6.56
N GLU A 905 37.95 13.31 -7.79
CA GLU A 905 37.26 14.09 -8.79
C GLU A 905 35.88 13.54 -8.95
N VAL A 906 34.90 14.42 -8.80
CA VAL A 906 33.52 14.05 -9.03
C VAL A 906 32.96 14.92 -10.15
N PRO A 907 32.17 14.35 -11.07
CA PRO A 907 31.49 15.19 -12.06
C PRO A 907 30.47 16.09 -11.37
N CYS A 908 30.62 17.40 -11.56
CA CYS A 908 29.70 18.37 -10.99
C CYS A 908 28.87 18.98 -12.11
N ASN A 909 28.01 19.94 -11.74
CA ASN A 909 26.98 20.47 -12.64
C ASN A 909 27.21 21.96 -12.88
N PRO A 910 27.60 22.35 -14.10
CA PRO A 910 27.86 23.78 -14.38
C PRO A 910 26.68 24.68 -14.09
N PHE A 911 25.46 24.22 -14.38
CA PHE A 911 24.28 25.01 -14.04
C PHE A 911 24.16 25.18 -12.54
N LEU A 912 24.39 24.11 -11.79
CA LEU A 912 24.31 24.18 -10.34
C LEU A 912 25.36 25.12 -9.78
N LYS A 913 26.60 25.04 -10.28
CA LYS A 913 27.66 25.90 -9.76
C LYS A 913 27.43 27.37 -10.11
N TYR A 914 26.78 27.67 -11.23
CA TYR A 914 26.33 29.03 -11.46
C TYR A 914 25.24 29.42 -10.47
N LYS A 915 24.36 28.48 -10.12
CA LYS A 915 23.23 28.80 -9.24
C LYS A 915 23.71 29.29 -7.88
N GLU A 916 24.62 28.55 -7.27
CA GLU A 916 25.17 28.95 -5.98
C GLU A 916 25.79 30.33 -6.01
N GLU A 917 26.21 30.80 -7.19
CA GLU A 917 26.93 32.06 -7.26
C GLU A 917 26.01 33.25 -7.56
N HIS A 918 25.30 33.22 -8.69
CA HIS A 918 24.43 34.33 -9.08
C HIS A 918 22.94 34.04 -8.89
N GLY A 919 22.59 32.88 -8.33
CA GLY A 919 21.21 32.47 -8.30
C GLY A 919 20.82 31.76 -9.58
N TYR A 920 19.51 31.70 -9.79
CA TYR A 920 18.98 30.97 -10.93
C TYR A 920 19.46 31.60 -12.23
N ILE A 921 19.84 30.74 -13.18
CA ILE A 921 20.00 31.18 -14.56
C ILE A 921 18.71 31.81 -15.03
N ARG A 922 18.80 32.99 -15.62
CA ARG A 922 17.61 33.72 -16.03
C ARG A 922 17.59 33.90 -17.53
N LYS A 923 16.38 34.02 -18.07
CA LYS A 923 16.21 34.22 -19.50
C LYS A 923 16.88 35.52 -19.93
N TYR A 924 17.36 35.55 -21.17
CA TYR A 924 18.06 36.73 -21.65
C TYR A 924 17.11 37.93 -21.69
N SER A 925 17.62 39.09 -21.27
CA SER A 925 16.83 40.31 -21.20
C SER A 925 17.79 41.49 -21.25
N LYS A 926 17.23 42.65 -21.62
CA LYS A 926 18.08 43.84 -21.70
C LYS A 926 18.40 44.38 -20.31
N LYS A 927 17.39 44.51 -19.46
CA LYS A 927 17.54 45.11 -18.14
C LYS A 927 17.68 44.06 -17.04
N GLY A 928 18.22 42.89 -17.37
CA GLY A 928 18.34 41.82 -16.39
C GLY A 928 17.01 41.37 -15.85
N ASN A 929 15.96 41.41 -16.68
CA ASN A 929 14.59 41.26 -16.23
C ASN A 929 13.98 39.91 -16.57
N GLY A 930 14.74 39.00 -17.15
CA GLY A 930 14.19 37.75 -17.64
C GLY A 930 13.77 36.82 -16.51
N PRO A 931 12.74 36.00 -16.77
CA PRO A 931 12.35 35.00 -15.77
C PRO A 931 13.42 33.95 -15.60
N GLU A 932 13.34 33.23 -14.50
CA GLU A 932 14.31 32.19 -14.22
C GLU A 932 14.07 30.98 -15.11
N ILE A 933 15.07 30.09 -15.16
CA ILE A 933 15.03 28.90 -16.00
C ILE A 933 15.24 27.69 -15.11
N LYS A 934 14.27 26.80 -15.13
CA LYS A 934 14.32 25.59 -14.35
C LYS A 934 14.14 24.33 -15.19
N SER A 935 13.16 24.35 -16.08
CA SER A 935 12.85 23.22 -16.95
C SER A 935 13.17 23.57 -18.39
N LEU A 936 13.51 22.54 -19.16
CA LEU A 936 13.72 22.66 -20.60
C LEU A 936 12.95 21.55 -21.30
N LYS A 937 11.95 21.93 -22.08
CA LYS A 937 11.30 21.00 -22.99
C LYS A 937 12.17 20.74 -24.21
N TYR A 938 11.98 19.57 -24.81
CA TYR A 938 12.73 19.19 -26.00
C TYR A 938 11.92 18.21 -26.83
N TYR A 939 12.20 18.18 -28.13
CA TYR A 939 11.58 17.19 -28.99
C TYR A 939 12.20 15.83 -28.70
N ASP A 940 11.36 14.86 -28.36
CA ASP A 940 11.84 13.57 -27.89
C ASP A 940 11.78 12.54 -28.99
N SER A 941 10.59 12.00 -29.24
CA SER A 941 10.40 10.91 -30.17
C SER A 941 9.15 11.19 -31.00
N LYS A 942 9.07 10.50 -32.14
CA LYS A 942 7.91 10.64 -33.00
C LYS A 942 6.71 10.00 -32.35
N LEU A 943 5.57 10.65 -32.48
CA LEU A 943 4.34 10.09 -31.94
C LEU A 943 3.98 8.84 -32.72
N GLY A 944 3.74 7.76 -32.00
CA GLY A 944 3.22 6.55 -32.61
C GLY A 944 1.96 6.10 -31.91
N ASN A 945 2.00 4.91 -31.33
CA ASN A 945 0.87 4.34 -30.62
C ASN A 945 0.58 5.11 -29.33
N HIS A 946 -0.70 5.36 -29.05
CA HIS A 946 -1.00 6.27 -27.97
C HIS A 946 -2.48 6.19 -27.63
N ILE A 947 -2.84 6.87 -26.53
CA ILE A 947 -4.22 7.17 -26.18
C ILE A 947 -4.39 8.68 -26.27
N ASP A 948 -5.42 9.13 -26.98
CA ASP A 948 -5.65 10.55 -27.19
C ASP A 948 -6.49 11.14 -26.05
N ILE A 949 -5.89 12.07 -25.30
CA ILE A 949 -6.59 12.81 -24.26
C ILE A 949 -6.50 14.30 -24.56
N THR A 950 -6.84 14.68 -25.78
CA THR A 950 -6.57 16.03 -26.26
C THR A 950 -7.71 16.95 -25.86
N PRO A 951 -7.42 18.03 -25.17
CA PRO A 951 -8.45 18.98 -24.83
C PRO A 951 -8.97 19.63 -26.09
N LYS A 952 -10.24 19.99 -26.14
CA LYS A 952 -10.78 20.64 -27.31
C LYS A 952 -10.11 21.94 -27.51
N ASP A 953 -9.65 22.49 -26.44
CA ASP A 953 -8.92 23.72 -26.40
C ASP A 953 -7.59 23.72 -27.13
N SER A 954 -6.87 22.62 -27.02
CA SER A 954 -5.52 22.47 -27.52
C SER A 954 -5.18 22.58 -28.98
N ASN A 955 -4.08 23.26 -29.23
CA ASN A 955 -3.56 23.43 -30.54
C ASN A 955 -2.75 22.26 -31.00
N ASN A 956 -2.41 21.37 -30.09
CA ASN A 956 -1.67 20.15 -30.41
C ASN A 956 -2.28 19.02 -29.63
N LYS A 957 -2.13 17.78 -30.09
CA LYS A 957 -2.64 16.61 -29.42
C LYS A 957 -1.91 16.38 -28.11
N VAL A 958 -2.66 15.92 -27.11
CA VAL A 958 -2.14 15.48 -25.83
C VAL A 958 -2.42 13.98 -25.75
N VAL A 959 -1.45 13.21 -25.30
CA VAL A 959 -1.53 11.76 -25.41
C VAL A 959 -0.99 11.09 -24.16
N LEU A 960 -1.33 9.81 -24.01
CA LEU A 960 -0.74 8.88 -23.06
C LEU A 960 0.02 7.80 -23.82
N GLN A 961 1.13 7.33 -23.25
CA GLN A 961 1.98 6.41 -23.97
C GLN A 961 2.19 5.13 -23.16
N SER A 962 2.81 4.15 -23.82
CA SER A 962 3.09 2.84 -23.26
C SER A 962 1.78 2.12 -22.91
N VAL A 963 1.01 1.84 -23.95
CA VAL A 963 -0.34 1.31 -23.81
C VAL A 963 -0.24 -0.18 -23.50
N SER A 964 -0.85 -0.60 -22.39
CA SER A 964 -0.66 -1.97 -21.97
C SER A 964 -1.62 -2.90 -22.69
N PRO A 965 -1.17 -4.12 -22.98
CA PRO A 965 -2.01 -5.08 -23.71
C PRO A 965 -2.86 -5.97 -22.82
N TRP A 966 -3.98 -6.41 -23.38
CA TRP A 966 -4.89 -7.36 -22.74
C TRP A 966 -4.69 -8.77 -23.28
N ARG A 967 -4.94 -8.97 -24.57
CA ARG A 967 -4.90 -10.31 -25.13
C ARG A 967 -4.58 -10.22 -26.62
N ALA A 968 -4.23 -11.35 -27.20
CA ALA A 968 -4.02 -11.47 -28.64
C ALA A 968 -4.92 -12.56 -29.19
N ASP A 969 -5.62 -12.25 -30.29
CA ASP A 969 -6.47 -13.21 -30.98
C ASP A 969 -5.71 -13.76 -32.17
N VAL A 970 -5.58 -15.07 -32.23
CA VAL A 970 -4.82 -15.75 -33.27
C VAL A 970 -5.76 -16.20 -34.37
N TYR A 971 -5.40 -15.89 -35.61
CA TYR A 971 -6.15 -16.31 -36.78
C TYR A 971 -5.21 -17.10 -37.70
N PHE A 972 -5.74 -17.49 -38.87
CA PHE A 972 -4.95 -18.16 -39.88
C PHE A 972 -5.52 -17.82 -41.24
N ASN A 973 -4.65 -17.48 -42.19
CA ASN A 973 -5.06 -17.10 -43.54
C ASN A 973 -4.74 -18.25 -44.47
N LYS A 974 -5.75 -18.79 -45.14
CA LYS A 974 -5.55 -19.97 -45.98
C LYS A 974 -4.82 -19.64 -47.28
N THR A 975 -5.03 -18.45 -47.83
CA THR A 975 -4.39 -18.09 -49.09
C THR A 975 -2.88 -18.00 -48.94
N THR A 976 -2.41 -17.41 -47.84
CA THR A 976 -0.99 -17.26 -47.60
C THR A 976 -0.40 -18.39 -46.78
N GLY A 977 -1.23 -19.17 -46.08
CA GLY A 977 -0.73 -20.22 -45.22
C GLY A 977 -0.03 -19.72 -43.99
N LYS A 978 -0.22 -18.45 -43.63
CA LYS A 978 0.46 -17.82 -42.51
C LYS A 978 -0.55 -17.45 -41.44
N TYR A 979 -0.05 -17.28 -40.21
CA TYR A 979 -0.86 -16.86 -39.09
C TYR A 979 -0.92 -15.33 -39.03
N GLU A 980 -2.06 -14.83 -38.55
CA GLU A 980 -2.31 -13.40 -38.39
C GLU A 980 -2.81 -13.15 -36.98
N ILE A 981 -2.09 -12.33 -36.22
CA ILE A 981 -2.33 -12.18 -34.78
C ILE A 981 -2.83 -10.77 -34.50
N LEU A 982 -4.03 -10.68 -33.95
CA LEU A 982 -4.66 -9.43 -33.57
C LEU A 982 -4.36 -9.16 -32.10
N GLY A 983 -4.02 -7.91 -31.78
CA GLY A 983 -3.66 -7.53 -30.43
C GLY A 983 -4.69 -6.57 -29.84
N LEU A 984 -5.22 -6.94 -28.68
CA LEU A 984 -6.15 -6.09 -27.95
C LEU A 984 -5.49 -5.53 -26.70
N LYS A 985 -5.73 -4.25 -26.44
CA LYS A 985 -5.19 -3.55 -25.30
C LYS A 985 -6.32 -3.17 -24.35
N TYR A 986 -5.98 -3.00 -23.06
CA TYR A 986 -6.99 -2.60 -22.10
C TYR A 986 -7.74 -1.37 -22.60
N ALA A 987 -7.03 -0.42 -23.19
CA ALA A 987 -7.64 0.83 -23.61
C ALA A 987 -8.54 0.69 -24.82
N ASP A 988 -8.63 -0.48 -25.43
CA ASP A 988 -9.63 -0.71 -26.46
C ASP A 988 -11.01 -0.99 -25.89
N LEU A 989 -11.09 -1.41 -24.63
CA LEU A 989 -12.37 -1.63 -23.97
C LEU A 989 -12.75 -0.39 -23.17
N GLN A 990 -14.04 -0.15 -23.05
CA GLN A 990 -14.52 1.04 -22.38
C GLN A 990 -15.93 0.79 -21.87
N PHE A 991 -16.41 1.71 -21.03
CA PHE A 991 -17.79 1.69 -20.58
C PHE A 991 -18.69 2.27 -21.67
N GLU A 992 -19.73 1.55 -22.02
CA GLU A 992 -20.59 1.99 -23.11
C GLU A 992 -21.50 3.10 -22.65
N LYS A 993 -21.67 4.12 -23.44
CA LYS A 993 -22.52 5.20 -23.04
C LYS A 993 -23.88 4.56 -23.03
N GLY A 994 -24.76 4.96 -22.13
CA GLY A 994 -26.08 4.38 -22.08
C GLY A 994 -26.17 3.06 -21.35
N THR A 995 -25.44 2.05 -21.80
CA THR A 995 -25.46 0.75 -21.15
C THR A 995 -24.69 0.73 -19.81
N GLY A 996 -23.46 1.20 -19.83
CA GLY A 996 -22.64 1.17 -18.66
C GLY A 996 -21.81 -0.07 -18.64
N THR A 997 -21.87 -0.83 -19.71
CA THR A 997 -21.17 -2.07 -19.84
C THR A 997 -19.77 -1.80 -20.28
N TYR A 998 -18.85 -2.57 -19.76
CA TYR A 998 -17.47 -2.45 -20.10
C TYR A 998 -17.29 -3.47 -21.17
N LYS A 999 -16.99 -3.05 -22.38
CA LYS A 999 -16.93 -3.93 -23.52
C LYS A 999 -16.11 -3.32 -24.64
N ILE A 1000 -15.87 -4.11 -25.67
CA ILE A 1000 -15.47 -3.63 -26.97
C ILE A 1000 -16.54 -4.09 -27.95
N SER A 1001 -16.85 -3.26 -28.94
CA SER A 1001 -17.86 -3.63 -29.91
C SER A 1001 -17.24 -4.31 -31.12
N GLN A 1002 -18.09 -4.98 -31.90
CA GLN A 1002 -17.62 -5.67 -33.10
C GLN A 1002 -17.01 -4.70 -34.10
N GLU A 1003 -17.63 -3.53 -34.26
CA GLU A 1003 -17.15 -2.58 -35.26
C GLU A 1003 -15.74 -2.12 -34.92
N LYS A 1004 -15.49 -1.82 -33.66
CA LYS A 1004 -14.13 -1.46 -33.26
C LYS A 1004 -13.21 -2.66 -33.34
N TYR A 1005 -13.69 -3.83 -32.91
CA TYR A 1005 -12.91 -5.05 -33.05
C TYR A 1005 -12.60 -5.33 -34.52
N ASN A 1006 -13.56 -5.07 -35.41
CA ASN A 1006 -13.30 -5.27 -36.82
C ASN A 1006 -12.34 -4.22 -37.37
N ASP A 1007 -12.33 -3.01 -36.79
CA ASP A 1007 -11.36 -2.01 -37.20
C ASP A 1007 -9.96 -2.39 -36.75
N ILE A 1008 -9.84 -2.87 -35.52
CA ILE A 1008 -8.54 -3.36 -35.05
C ILE A 1008 -8.11 -4.56 -35.87
N LYS A 1009 -9.05 -5.45 -36.15
CA LYS A 1009 -8.77 -6.59 -37.00
C LYS A 1009 -8.17 -6.15 -38.32
N LYS A 1010 -8.69 -5.07 -38.89
CA LYS A 1010 -8.18 -4.58 -40.16
C LYS A 1010 -6.81 -3.93 -39.98
N LYS A 1011 -6.70 -2.96 -39.09
CA LYS A 1011 -5.45 -2.22 -38.98
C LYS A 1011 -4.29 -3.09 -38.52
N GLU A 1012 -4.55 -4.28 -38.01
CA GLU A 1012 -3.49 -5.20 -37.62
C GLU A 1012 -3.16 -6.20 -38.70
N GLY A 1013 -3.80 -6.12 -39.85
CA GLY A 1013 -3.47 -6.99 -40.96
C GLY A 1013 -4.10 -8.35 -40.93
N VAL A 1014 -5.18 -8.52 -40.17
CA VAL A 1014 -5.94 -9.77 -40.15
C VAL A 1014 -7.01 -9.68 -41.25
N ASP A 1015 -6.96 -10.61 -42.19
CA ASP A 1015 -7.92 -10.60 -43.30
C ASP A 1015 -9.32 -10.90 -42.78
N SER A 1016 -10.31 -10.14 -43.28
CA SER A 1016 -11.68 -10.34 -42.82
C SER A 1016 -12.17 -11.75 -43.08
N ASP A 1017 -11.56 -12.47 -44.03
CA ASP A 1017 -11.85 -13.87 -44.31
C ASP A 1017 -10.65 -14.70 -43.86
N SER A 1018 -10.57 -14.95 -42.56
CA SER A 1018 -9.53 -15.79 -41.99
C SER A 1018 -10.09 -16.49 -40.76
N GLU A 1019 -9.61 -17.72 -40.52
CA GLU A 1019 -10.22 -18.56 -39.51
C GLU A 1019 -9.67 -18.24 -38.13
N PHE A 1020 -10.56 -18.06 -37.16
CA PHE A 1020 -10.12 -17.87 -35.80
C PHE A 1020 -9.61 -19.18 -35.23
N LYS A 1021 -8.52 -19.10 -34.48
CA LYS A 1021 -7.86 -20.29 -33.97
C LYS A 1021 -7.90 -20.35 -32.45
N PHE A 1022 -7.35 -19.34 -31.77
CA PHE A 1022 -7.43 -19.28 -30.32
C PHE A 1022 -7.04 -17.87 -29.88
N THR A 1023 -7.29 -17.60 -28.61
CA THR A 1023 -6.92 -16.35 -27.96
C THR A 1023 -5.90 -16.64 -26.88
N LEU A 1024 -4.81 -15.90 -26.88
CA LEU A 1024 -3.74 -16.06 -25.90
C LEU A 1024 -3.78 -14.89 -24.92
N TYR A 1025 -3.86 -15.21 -23.63
CA TYR A 1025 -3.72 -14.24 -22.56
C TYR A 1025 -2.34 -14.38 -21.94
N LYS A 1026 -1.99 -13.44 -21.10
CA LYS A 1026 -0.69 -13.47 -20.49
C LYS A 1026 -0.50 -14.73 -19.67
N ASN A 1027 0.61 -15.40 -19.93
CA ASN A 1027 0.99 -16.60 -19.27
C ASN A 1027 0.40 -17.88 -19.81
N ASP A 1028 -0.33 -17.79 -20.90
CA ASP A 1028 -0.86 -18.95 -21.59
C ASP A 1028 0.40 -19.48 -22.21
N LEU A 1029 0.41 -20.72 -22.65
CA LEU A 1029 1.59 -21.31 -23.24
C LEU A 1029 1.42 -21.64 -24.71
N LEU A 1030 2.47 -21.47 -25.50
CA LEU A 1030 2.45 -21.74 -26.93
C LEU A 1030 3.36 -22.91 -27.26
N LEU A 1031 3.06 -23.54 -28.39
CA LEU A 1031 4.00 -24.44 -29.03
C LEU A 1031 4.21 -23.92 -30.44
N VAL A 1032 5.45 -23.61 -30.78
CA VAL A 1032 5.81 -23.10 -32.10
C VAL A 1032 6.58 -24.20 -32.80
N LYS A 1033 6.00 -24.77 -33.86
CA LYS A 1033 6.64 -25.82 -34.63
C LYS A 1033 7.08 -25.30 -36.00
N ASP A 1034 8.25 -25.74 -36.43
CA ASP A 1034 8.72 -25.51 -37.79
C ASP A 1034 8.20 -26.63 -38.68
N THR A 1035 7.54 -26.25 -39.78
CA THR A 1035 7.04 -27.24 -40.72
C THR A 1035 8.18 -27.95 -41.45
N GLU A 1036 9.25 -27.23 -41.77
CA GLU A 1036 10.27 -27.78 -42.66
C GLU A 1036 11.30 -28.63 -41.92
N THR A 1037 11.76 -28.21 -40.75
CA THR A 1037 12.75 -28.98 -40.01
C THR A 1037 12.17 -29.74 -38.84
N LYS A 1038 10.90 -29.54 -38.52
CA LYS A 1038 10.11 -30.25 -37.51
C LYS A 1038 10.50 -29.91 -36.08
N GLU A 1039 11.43 -28.98 -35.85
CA GLU A 1039 11.68 -28.52 -34.49
C GLU A 1039 10.46 -27.81 -33.95
N GLN A 1040 10.33 -27.84 -32.62
CA GLN A 1040 9.27 -27.12 -31.95
C GLN A 1040 9.75 -26.68 -30.59
N GLN A 1041 9.27 -25.52 -30.15
CA GLN A 1041 9.61 -24.93 -28.88
C GLN A 1041 8.35 -24.53 -28.15
N LEU A 1042 8.34 -24.73 -26.84
CA LEU A 1042 7.21 -24.36 -26.00
C LEU A 1042 7.54 -23.05 -25.31
N PHE A 1043 6.70 -22.05 -25.52
CA PHE A 1043 6.86 -20.73 -24.92
C PHE A 1043 5.65 -20.46 -24.05
N ARG A 1044 5.76 -19.42 -23.23
CA ARG A 1044 4.57 -18.81 -22.67
C ARG A 1044 4.39 -17.43 -23.26
N PHE A 1045 3.13 -17.03 -23.36
CA PHE A 1045 2.75 -15.80 -24.01
C PHE A 1045 2.88 -14.65 -23.04
N LEU A 1046 3.21 -13.50 -23.59
CA LEU A 1046 3.23 -12.26 -22.87
C LEU A 1046 2.21 -11.40 -23.54
N SER A 1047 2.54 -10.87 -24.70
CA SER A 1047 1.63 -10.03 -25.42
C SER A 1047 1.97 -9.90 -26.87
N ARG A 1048 1.15 -9.17 -27.56
CA ARG A 1048 1.39 -8.81 -28.91
C ARG A 1048 2.17 -7.52 -28.75
N THR A 1049 3.40 -7.48 -29.23
CA THR A 1049 4.27 -6.31 -29.15
C THR A 1049 4.43 -5.66 -30.50
N MET A 1050 4.79 -4.39 -30.48
CA MET A 1050 5.03 -3.57 -31.65
C MET A 1050 3.91 -3.43 -32.64
N PRO A 1051 3.10 -2.42 -32.46
CA PRO A 1051 1.97 -2.23 -33.35
C PRO A 1051 2.34 -2.14 -34.82
N LYS A 1052 3.41 -1.47 -35.13
CA LYS A 1052 3.88 -1.33 -36.48
C LYS A 1052 4.30 -2.62 -37.15
N GLN A 1053 4.89 -3.55 -36.42
CA GLN A 1053 5.33 -4.84 -36.95
C GLN A 1053 4.22 -5.86 -36.74
N LYS A 1054 3.45 -6.13 -37.78
CA LYS A 1054 2.28 -6.97 -37.64
C LYS A 1054 2.68 -8.41 -37.32
N HIS A 1055 1.85 -9.04 -36.49
CA HIS A 1055 1.97 -10.42 -36.01
C HIS A 1055 3.16 -10.63 -35.11
N TYR A 1056 3.68 -9.55 -34.52
CA TYR A 1056 4.85 -9.64 -33.64
C TYR A 1056 4.41 -9.89 -32.21
N VAL A 1057 5.20 -10.67 -31.50
CA VAL A 1057 4.74 -11.16 -30.21
C VAL A 1057 5.93 -11.27 -29.28
N GLU A 1058 5.78 -10.82 -28.05
CA GLU A 1058 6.77 -11.10 -27.04
C GLU A 1058 6.43 -12.41 -26.32
N LEU A 1059 7.44 -13.25 -26.15
CA LEU A 1059 7.35 -14.54 -25.49
C LEU A 1059 8.25 -14.56 -24.26
N LYS A 1060 8.04 -15.54 -23.42
CA LYS A 1060 8.81 -15.73 -22.21
C LYS A 1060 9.16 -17.20 -22.09
N PRO A 1061 10.11 -17.55 -21.25
CA PRO A 1061 10.53 -18.96 -21.17
C PRO A 1061 9.48 -19.83 -20.50
N TYR A 1062 9.64 -21.13 -20.72
CA TYR A 1062 8.74 -22.11 -20.15
C TYR A 1062 9.09 -22.44 -18.70
N ASP A 1063 10.36 -22.34 -18.33
CA ASP A 1063 10.84 -22.84 -17.05
C ASP A 1063 11.49 -21.79 -16.17
N LYS A 1064 11.50 -20.52 -16.57
CA LYS A 1064 12.14 -19.48 -15.79
C LYS A 1064 11.43 -18.16 -16.05
N GLN A 1065 11.81 -17.14 -15.28
CA GLN A 1065 11.11 -15.87 -15.32
C GLN A 1065 11.33 -15.14 -16.65
N LYS A 1066 12.58 -15.01 -17.07
CA LYS A 1066 12.88 -14.29 -18.30
C LYS A 1066 14.04 -14.95 -19.01
N PHE A 1067 14.21 -14.57 -20.27
CA PHE A 1067 15.39 -14.96 -21.03
C PHE A 1067 16.59 -14.10 -20.65
N GLU A 1068 17.78 -14.64 -20.87
CA GLU A 1068 19.00 -13.89 -20.65
C GLU A 1068 19.38 -13.02 -21.84
N GLY A 1069 19.23 -13.54 -23.06
CA GLY A 1069 19.65 -12.76 -24.22
C GLY A 1069 20.65 -13.62 -24.98
N GLY A 1070 20.47 -13.69 -26.29
CA GLY A 1070 21.31 -14.52 -27.12
C GLY A 1070 21.01 -16.00 -27.03
N GLU A 1071 20.06 -16.40 -26.18
CA GLU A 1071 19.71 -17.80 -26.05
C GLU A 1071 19.17 -18.34 -27.37
N ALA A 1072 19.60 -19.53 -27.72
CA ALA A 1072 19.23 -20.12 -28.99
C ALA A 1072 17.81 -20.66 -28.94
N LEU A 1073 17.04 -20.36 -29.97
CA LEU A 1073 15.72 -20.95 -30.16
C LEU A 1073 15.72 -21.71 -31.46
N ILE A 1074 14.54 -22.26 -31.80
CA ILE A 1074 14.43 -22.97 -33.06
C ILE A 1074 14.81 -22.05 -34.22
N LYS A 1075 15.23 -22.67 -35.32
CA LYS A 1075 15.87 -21.91 -36.39
C LYS A 1075 14.96 -20.83 -36.97
N VAL A 1076 13.66 -21.08 -37.03
CA VAL A 1076 12.76 -20.10 -37.64
C VAL A 1076 12.83 -18.78 -36.90
N LEU A 1077 12.96 -18.83 -35.58
CA LEU A 1077 12.99 -17.64 -34.75
C LEU A 1077 14.40 -17.19 -34.44
N GLY A 1078 15.41 -17.96 -34.81
CA GLY A 1078 16.78 -17.52 -34.60
C GLY A 1078 17.13 -17.55 -33.13
N ASN A 1079 17.69 -16.44 -32.66
CA ASN A 1079 18.08 -16.30 -31.26
C ASN A 1079 17.37 -15.12 -30.65
N VAL A 1080 17.11 -15.18 -29.34
CA VAL A 1080 16.50 -14.06 -28.65
C VAL A 1080 17.47 -12.89 -28.63
N ALA A 1081 16.94 -11.68 -28.80
CA ALA A 1081 17.73 -10.47 -28.74
C ALA A 1081 18.60 -10.44 -27.50
N ASN A 1082 19.89 -10.10 -27.70
CA ASN A 1082 20.81 -9.96 -26.59
C ASN A 1082 20.31 -8.97 -25.55
N SER A 1083 19.34 -8.14 -25.91
CA SER A 1083 18.76 -7.18 -24.98
C SER A 1083 17.88 -7.83 -23.93
N GLY A 1084 17.54 -9.11 -24.07
CA GLY A 1084 16.80 -9.85 -23.07
C GLY A 1084 15.38 -10.21 -23.47
N GLN A 1085 14.71 -9.35 -24.21
CA GLN A 1085 13.30 -9.54 -24.58
C GLN A 1085 13.18 -10.36 -25.85
N CYS A 1086 12.39 -11.43 -25.79
CA CYS A 1086 12.19 -12.29 -26.94
C CYS A 1086 11.02 -11.75 -27.75
N LYS A 1087 11.31 -11.05 -28.83
CA LYS A 1087 10.27 -10.51 -29.67
C LYS A 1087 10.43 -11.07 -31.05
N LYS A 1088 9.49 -11.87 -31.47
CA LYS A 1088 9.52 -12.54 -32.75
C LYS A 1088 8.18 -12.36 -33.45
N GLY A 1089 8.21 -12.40 -34.75
CA GLY A 1089 7.01 -12.24 -35.55
C GLY A 1089 6.55 -13.62 -35.93
N LEU A 1090 5.28 -13.91 -35.76
CA LEU A 1090 4.79 -15.23 -36.04
C LEU A 1090 3.95 -15.31 -37.27
N GLY A 1091 4.13 -14.40 -38.19
CA GLY A 1091 3.37 -14.44 -39.41
C GLY A 1091 4.19 -14.91 -40.59
N LYS A 1092 5.28 -15.61 -40.32
CA LYS A 1092 6.11 -16.14 -41.40
C LYS A 1092 5.46 -17.41 -41.99
N SER A 1093 5.85 -17.80 -43.19
CA SER A 1093 5.24 -19.00 -43.83
C SER A 1093 5.54 -20.36 -43.24
N ASN A 1094 6.78 -20.50 -42.84
CA ASN A 1094 7.30 -21.69 -42.25
C ASN A 1094 6.83 -21.99 -40.85
N ILE A 1095 5.69 -21.46 -40.42
CA ILE A 1095 5.34 -21.63 -39.02
C ILE A 1095 4.08 -22.35 -38.61
N SER A 1096 4.15 -22.96 -37.45
CA SER A 1096 3.01 -23.65 -36.84
C SER A 1096 2.92 -23.32 -35.36
N ILE A 1097 1.75 -22.87 -34.91
CA ILE A 1097 1.53 -22.46 -33.53
C ILE A 1097 0.24 -23.08 -33.01
N TYR A 1098 0.32 -23.72 -31.83
CA TYR A 1098 -0.86 -24.14 -31.10
C TYR A 1098 -0.81 -23.63 -29.66
N LYS A 1099 -2.00 -23.35 -29.14
CA LYS A 1099 -2.15 -23.02 -27.74
C LYS A 1099 -2.09 -24.28 -26.88
N VAL A 1100 -1.51 -24.15 -25.69
CA VAL A 1100 -1.35 -25.28 -24.79
C VAL A 1100 -1.92 -24.92 -23.43
N ARG A 1101 -2.87 -25.71 -22.96
CA ARG A 1101 -3.44 -25.56 -21.63
C ARG A 1101 -2.78 -26.56 -20.69
N THR A 1102 -2.63 -26.18 -19.43
CA THR A 1102 -2.23 -27.12 -18.40
C THR A 1102 -3.17 -27.04 -17.20
N ASP A 1103 -3.38 -28.18 -16.54
CA ASP A 1103 -3.96 -28.13 -15.22
C ASP A 1103 -2.91 -27.59 -14.25
N VAL A 1104 -3.29 -27.43 -12.99
CA VAL A 1104 -2.39 -26.81 -12.04
C VAL A 1104 -1.25 -27.77 -11.71
N LEU A 1105 -1.30 -28.97 -12.28
CA LEU A 1105 -0.28 -29.98 -12.04
C LEU A 1105 0.83 -29.96 -13.07
N GLY A 1106 0.63 -29.31 -14.20
CA GLY A 1106 1.60 -29.31 -15.26
C GLY A 1106 1.29 -30.22 -16.43
N ASN A 1107 0.12 -30.83 -16.47
CA ASN A 1107 -0.22 -31.75 -17.55
C ASN A 1107 -0.76 -30.96 -18.73
N GLN A 1108 -0.05 -31.03 -19.85
CA GLN A 1108 -0.31 -30.18 -21.00
C GLN A 1108 -1.35 -30.81 -21.93
N HIS A 1109 -2.17 -29.96 -22.52
CA HIS A 1109 -3.11 -30.34 -23.57
C HIS A 1109 -2.90 -29.42 -24.75
N ILE A 1110 -2.79 -29.99 -25.93
CA ILE A 1110 -2.60 -29.18 -27.13
C ILE A 1110 -3.96 -28.69 -27.60
N ILE A 1111 -4.06 -27.39 -27.85
CA ILE A 1111 -5.28 -26.79 -28.39
C ILE A 1111 -4.92 -26.19 -29.73
N LYS A 1112 -5.56 -26.69 -30.79
CA LYS A 1112 -5.34 -26.16 -32.13
C LYS A 1112 -6.51 -25.32 -32.62
N ASN A 1113 -7.67 -25.39 -31.97
CA ASN A 1113 -8.76 -24.45 -32.23
C ASN A 1113 -9.67 -24.44 -31.01
N GLU A 1114 -10.17 -23.25 -30.68
CA GLU A 1114 -11.07 -23.06 -29.55
C GLU A 1114 -12.53 -22.95 -29.98
N GLY A 1115 -12.82 -22.16 -31.00
CA GLY A 1115 -14.22 -21.97 -31.38
C GLY A 1115 -14.29 -21.31 -32.73
N ASP A 1116 -15.52 -21.09 -33.19
CA ASP A 1116 -15.72 -20.48 -34.49
C ASP A 1116 -15.26 -19.02 -34.49
N LYS A 1117 -15.64 -18.27 -33.48
CA LYS A 1117 -15.34 -16.85 -33.39
C LYS A 1117 -14.69 -16.54 -32.05
N PRO A 1118 -14.03 -15.38 -31.93
CA PRO A 1118 -13.46 -15.00 -30.64
C PRO A 1118 -14.56 -14.71 -29.62
N LYS A 1119 -14.20 -14.87 -28.35
CA LYS A 1119 -15.11 -14.62 -27.25
C LYS A 1119 -15.13 -13.14 -26.92
N LEU A 1120 -16.28 -12.48 -27.10
CA LEU A 1120 -16.44 -11.08 -26.75
C LEU A 1120 -17.74 -10.88 -25.99
N ASP A 1121 -18.03 -11.75 -25.02
CA ASP A 1121 -19.23 -11.63 -24.21
C ASP A 1121 -18.95 -10.70 -23.04
N PHE A 1122 -19.80 -9.69 -22.88
CA PHE A 1122 -19.63 -8.72 -21.81
C PHE A 1122 -20.94 -8.46 -21.07
#